data_5F05
#
_entry.id   5F05
#
_cell.length_a   54.459
_cell.length_b   85.952
_cell.length_c   88.520
_cell.angle_alpha   90.00
_cell.angle_beta   97.93
_cell.angle_gamma   90.00
#
_symmetry.space_group_name_H-M   'P 1 21 1'
#
loop_
_entity.id
_entity.type
_entity.pdbx_description
1 polymer 'Phi class glutathione transferase GSTF5'
2 non-polymer GLUTATHIONE
3 non-polymer GLYCEROL
4 non-polymer 'MAGNESIUM ION'
5 non-polymer 'DODECAETHYLENE GLYCOL'
6 non-polymer 'TETRAETHYLENE GLYCOL'
7 non-polymer 'TRIETHYLENE GLYCOL'
8 water water
#
_entity_poly.entity_id   1
_entity_poly.type   'polypeptide(L)'
_entity_poly.pdbx_seq_one_letter_code
;APLKLHGSVLSTNTQRVLATLYEKEVEFELVNVNLGAGEHKQEPHISLNPFGQVPAAVDGDLKLFESRAISQYVAHQYAS
KGTQLGAAGNGYATILVWQEVESHQFDPSASKLVWEQVFKPVFGLPTDAALVAETEVTLGKVLDVYEARLSQSKYLASDS
FTLADLHHLPNIQALLGTPSKKLFDSRPHVSAWVASITGRPAWGKVLALLPK
;
_entity_poly.pdbx_strand_id   A,B,C,D
#
# COMPACT_ATOMS: atom_id res chain seq x y z
N PRO A 2 49.64 -5.63 4.71
CA PRO A 2 48.32 -5.91 4.15
C PRO A 2 47.21 -5.04 4.76
N LEU A 3 46.13 -4.88 4.03
CA LEU A 3 44.93 -4.27 4.58
C LEU A 3 44.45 -5.12 5.75
N LYS A 4 44.10 -4.50 6.87
CA LYS A 4 43.48 -5.19 7.97
C LYS A 4 41.98 -4.92 7.99
N LEU A 5 41.20 -6.00 7.95
CA LEU A 5 39.75 -5.91 7.93
C LEU A 5 39.23 -6.42 9.28
N HIS A 6 38.71 -5.49 10.08
CA HIS A 6 38.21 -5.75 11.42
C HIS A 6 36.72 -6.02 11.38
N GLY A 7 36.36 -7.29 11.53
CA GLY A 7 34.95 -7.67 11.44
C GLY A 7 34.73 -9.11 11.73
N SER A 8 33.61 -9.63 11.22
CA SER A 8 33.26 -11.04 11.38
C SER A 8 32.76 -11.62 10.10
N VAL A 9 33.14 -12.84 9.76
CA VAL A 9 32.64 -13.38 8.51
C VAL A 9 31.13 -13.63 8.56
N LEU A 10 30.53 -13.57 9.74
CA LEU A 10 29.11 -13.84 9.89
C LEU A 10 28.30 -12.56 9.70
N SER A 11 29.02 -11.45 9.60
CA SER A 11 28.44 -10.12 9.35
C SER A 11 28.25 -9.89 7.87
N THR A 12 27.02 -9.56 7.46
CA THR A 12 26.75 -9.26 6.07
C THR A 12 27.53 -8.06 5.58
N ASN A 13 27.64 -7.01 6.41
CA ASN A 13 28.37 -5.83 6.00
C ASN A 13 29.87 -6.14 5.88
N THR A 14 30.39 -7.06 6.72
CA THR A 14 31.77 -7.47 6.52
C THR A 14 31.94 -8.24 5.21
N GLN A 15 31.00 -9.13 4.95
CA GLN A 15 31.00 -9.90 3.69
C GLN A 15 31.05 -9.05 2.44
N ARG A 16 30.37 -7.90 2.47
CA ARG A 16 30.37 -6.97 1.35
C ARG A 16 31.81 -6.57 1.02
N VAL A 17 32.62 -6.25 2.06
CA VAL A 17 33.99 -5.83 1.84
C VAL A 17 34.86 -6.99 1.39
N LEU A 18 34.69 -8.14 2.00
CA LEU A 18 35.43 -9.33 1.62
C LEU A 18 35.24 -9.61 0.13
N ALA A 19 34.01 -9.46 -0.37
CA ALA A 19 33.75 -9.67 -1.78
C ALA A 19 34.61 -8.75 -2.64
N THR A 20 34.67 -7.46 -2.30
CA THR A 20 35.48 -6.55 -3.09
C THR A 20 36.97 -6.88 -2.97
N LEU A 21 37.42 -7.24 -1.79
CA LEU A 21 38.83 -7.59 -1.55
C LEU A 21 39.24 -8.80 -2.43
N TYR A 22 38.36 -9.79 -2.51
CA TYR A 22 38.67 -10.96 -3.35
C TYR A 22 38.60 -10.61 -4.84
N GLU A 23 37.62 -9.80 -5.25
CA GLU A 23 37.54 -9.40 -6.66
C GLU A 23 38.80 -8.66 -7.09
N LYS A 24 39.26 -7.77 -6.23
CA LYS A 24 40.41 -6.95 -6.55
C LYS A 24 41.76 -7.63 -6.28
N GLU A 25 41.74 -8.86 -5.79
CA GLU A 25 42.95 -9.63 -5.46
C GLU A 25 43.91 -8.90 -4.53
N VAL A 26 43.35 -8.22 -3.54
CA VAL A 26 44.13 -7.45 -2.58
C VAL A 26 44.46 -8.33 -1.40
N GLU A 27 45.74 -8.46 -1.09
CA GLU A 27 46.16 -9.18 0.10
C GLU A 27 45.60 -8.49 1.35
N PHE A 28 45.00 -9.26 2.23
CA PHE A 28 44.48 -8.70 3.47
C PHE A 28 44.49 -9.73 4.56
N GLU A 29 44.35 -9.23 5.78
CA GLU A 29 44.15 -10.10 6.93
C GLU A 29 42.90 -9.67 7.68
N LEU A 30 42.07 -10.66 7.97
CA LEU A 30 40.96 -10.50 8.86
C LEU A 30 41.40 -10.38 10.32
N VAL A 31 40.83 -9.40 11.01
CA VAL A 31 40.99 -9.25 12.45
C VAL A 31 39.63 -9.50 13.02
N ASN A 32 39.50 -10.65 13.64
CA ASN A 32 38.19 -11.06 14.15
C ASN A 32 37.70 -10.24 15.31
N VAL A 33 36.44 -9.86 15.21
CA VAL A 33 35.76 -9.13 16.25
C VAL A 33 34.64 -10.00 16.78
N ASN A 34 34.70 -10.24 18.07
CA ASN A 34 33.75 -11.15 18.72
C ASN A 34 32.48 -10.40 19.11
N LEU A 35 31.47 -10.51 18.27
CA LEU A 35 30.25 -9.74 18.45
C LEU A 35 29.48 -10.25 19.67
N GLY A 36 29.53 -11.57 19.88
CA GLY A 36 28.79 -12.20 20.98
C GLY A 36 29.30 -11.70 22.33
N ALA A 37 30.58 -11.38 22.36
CA ALA A 37 31.25 -10.84 23.54
C ALA A 37 31.20 -9.33 23.59
N GLY A 38 30.52 -8.73 22.61
CA GLY A 38 30.40 -7.29 22.55
C GLY A 38 31.67 -6.52 22.24
N GLU A 39 32.62 -7.14 21.58
CA GLU A 39 33.87 -6.46 21.28
C GLU A 39 33.71 -5.30 20.30
N HIS A 40 32.65 -5.30 19.51
CA HIS A 40 32.43 -4.21 18.58
C HIS A 40 32.03 -2.92 19.29
N LYS A 41 31.64 -3.05 20.55
CA LYS A 41 31.32 -1.90 21.40
C LYS A 41 32.43 -1.53 22.38
N GLN A 42 33.53 -2.26 22.32
CA GLN A 42 34.67 -1.99 23.15
C GLN A 42 35.83 -1.31 22.39
N GLU A 43 36.82 -0.82 23.16
CA GLU A 43 38.11 -0.39 22.60
C GLU A 43 38.93 -1.62 22.32
N PRO A 44 39.72 -1.61 21.24
CA PRO A 44 39.97 -0.54 20.29
C PRO A 44 38.91 -0.48 19.15
N HIS A 45 37.97 -1.43 19.06
CA HIS A 45 37.12 -1.42 17.86
C HIS A 45 36.33 -0.10 17.71
N ILE A 46 35.82 0.45 18.81
CA ILE A 46 35.09 1.71 18.70
C ILE A 46 35.96 2.91 18.33
N SER A 47 37.30 2.79 18.38
CA SER A 47 38.19 3.78 17.74
C SER A 47 38.33 3.65 16.22
N LEU A 48 38.00 2.49 15.69
CA LEU A 48 37.96 2.27 14.26
C LEU A 48 36.56 2.54 13.65
N ASN A 49 35.51 2.07 14.31
CA ASN A 49 34.15 2.38 13.87
C ASN A 49 33.44 2.95 15.07
N PRO A 50 33.30 4.29 15.11
CA PRO A 50 32.79 4.95 16.31
C PRO A 50 31.29 4.69 16.57
N PHE A 51 30.60 4.08 15.59
CA PHE A 51 29.23 3.62 15.76
C PHE A 51 29.13 2.22 16.38
N GLY A 52 30.27 1.60 16.68
CA GLY A 52 30.24 0.31 17.34
C GLY A 52 29.64 -0.77 16.45
N GLN A 53 30.01 -0.70 15.18
CA GLN A 53 29.60 -1.69 14.20
C GLN A 53 30.79 -2.28 13.48
N VAL A 54 30.57 -3.45 12.84
CA VAL A 54 31.56 -4.00 11.92
C VAL A 54 31.08 -3.89 10.49
N PRO A 55 32.01 -3.77 9.55
CA PRO A 55 33.46 -3.76 9.67
C PRO A 55 34.09 -2.41 9.83
N ALA A 56 35.38 -2.44 10.14
CA ALA A 56 36.24 -1.29 9.90
C ALA A 56 37.46 -1.84 9.19
N ALA A 57 38.28 -0.97 8.66
CA ALA A 57 39.50 -1.37 7.95
C ALA A 57 40.61 -0.37 8.21
N VAL A 58 41.83 -0.90 8.23
CA VAL A 58 43.03 -0.11 8.34
C VAL A 58 43.90 -0.50 7.18
N ASP A 59 44.24 0.48 6.34
CA ASP A 59 45.10 0.22 5.21
C ASP A 59 46.29 1.16 5.32
N GLY A 60 47.37 0.67 5.88
CA GLY A 60 48.51 1.53 6.14
C GLY A 60 48.10 2.60 7.12
N ASP A 61 48.20 3.87 6.72
CA ASP A 61 47.88 4.99 7.63
C ASP A 61 46.41 5.44 7.59
N LEU A 62 45.64 4.81 6.71
CA LEU A 62 44.22 5.10 6.58
C LEU A 62 43.31 4.22 7.40
N LYS A 63 42.44 4.78 8.23
CA LYS A 63 41.42 3.98 8.89
C LYS A 63 40.04 4.41 8.35
N LEU A 64 39.26 3.38 8.08
CA LEU A 64 37.96 3.53 7.42
C LEU A 64 36.89 2.70 8.07
N PHE A 65 35.63 3.12 7.91
CA PHE A 65 34.49 2.28 8.33
C PHE A 65 33.34 2.60 7.35
N GLU A 66 32.19 1.92 7.51
CA GLU A 66 31.09 1.81 6.55
C GLU A 66 31.50 0.90 5.40
N SER A 67 30.81 -0.22 5.28
CA SER A 67 31.21 -1.25 4.31
C SER A 67 31.31 -0.75 2.87
N ARG A 68 30.37 0.11 2.46
CA ARG A 68 30.36 0.54 1.09
C ARG A 68 31.44 1.57 0.83
N ALA A 69 31.89 2.26 1.89
CA ALA A 69 33.00 3.20 1.74
C ALA A 69 34.28 2.43 1.57
N ILE A 70 34.48 1.44 2.44
CA ILE A 70 35.67 0.60 2.37
C ILE A 70 35.73 -0.09 0.99
N SER A 71 34.61 -0.66 0.60
CA SER A 71 34.50 -1.32 -0.70
C SER A 71 34.87 -0.39 -1.87
N GLN A 72 34.31 0.82 -1.90
N GLN A 72 34.29 0.81 -1.88
CA GLN A 72 34.58 1.68 -3.04
CA GLN A 72 34.55 1.75 -2.96
C GLN A 72 36.02 2.19 -2.97
C GLN A 72 36.02 2.14 -2.96
N TYR A 73 36.55 2.42 -1.77
CA TYR A 73 37.98 2.71 -1.61
C TYR A 73 38.86 1.61 -2.20
N VAL A 74 38.57 0.35 -1.84
CA VAL A 74 39.35 -0.77 -2.39
C VAL A 74 39.25 -0.80 -3.91
N ALA A 75 38.06 -0.60 -4.47
CA ALA A 75 37.91 -0.66 -5.92
C ALA A 75 38.66 0.44 -6.67
N HIS A 76 38.71 1.65 -6.10
CA HIS A 76 39.48 2.75 -6.66
C HIS A 76 40.97 2.60 -6.41
N GLN A 77 41.34 2.33 -5.16
CA GLN A 77 42.75 2.44 -4.76
C GLN A 77 43.52 1.36 -5.52
N TYR A 78 42.88 0.20 -5.71
CA TYR A 78 43.53 -0.95 -6.37
C TYR A 78 42.93 -1.24 -7.74
N ALA A 79 42.52 -0.19 -8.44
CA ALA A 79 41.77 -0.34 -9.64
C ALA A 79 42.42 -1.24 -10.69
N SER A 80 43.74 -1.17 -10.82
CA SER A 80 44.42 -1.94 -11.89
C SER A 80 44.48 -3.46 -11.64
N LYS A 81 44.21 -3.88 -10.41
CA LYS A 81 44.31 -5.29 -9.99
C LYS A 81 42.99 -6.01 -10.13
N GLY A 82 43.04 -7.30 -10.43
CA GLY A 82 41.85 -8.11 -10.47
C GLY A 82 40.75 -7.58 -11.38
N THR A 83 39.53 -7.82 -10.92
CA THR A 83 38.36 -7.47 -11.68
C THR A 83 38.23 -6.01 -11.88
N GLN A 84 37.85 -5.59 -13.07
CA GLN A 84 37.55 -4.17 -13.28
C GLN A 84 36.11 -3.89 -12.84
N LEU A 85 35.96 -3.15 -11.74
CA LEU A 85 34.64 -2.92 -11.09
C LEU A 85 33.98 -1.59 -11.44
N GLY A 86 34.70 -0.83 -12.28
CA GLY A 86 34.28 0.47 -12.75
C GLY A 86 33.98 0.38 -14.22
N ALA A 87 33.73 1.52 -14.83
CA ALA A 87 33.36 1.58 -16.23
C ALA A 87 34.12 2.73 -16.88
N ALA A 88 34.30 2.67 -18.20
CA ALA A 88 34.98 3.76 -18.92
C ALA A 88 34.08 4.97 -19.11
N GLY A 89 34.69 6.12 -19.35
CA GLY A 89 33.93 7.32 -19.70
C GLY A 89 33.00 7.77 -18.59
N ASN A 90 31.77 8.11 -18.98
CA ASN A 90 30.74 8.58 -18.06
C ASN A 90 29.99 7.44 -17.38
N GLY A 91 30.39 6.22 -17.67
CA GLY A 91 29.75 5.07 -17.03
C GLY A 91 29.79 5.08 -15.53
N TYR A 92 30.79 5.73 -14.91
CA TYR A 92 30.83 5.83 -13.47
C TYR A 92 29.51 6.38 -12.91
N ALA A 93 28.88 7.28 -13.65
CA ALA A 93 27.72 7.98 -13.11
C ALA A 93 26.56 6.97 -12.85
N THR A 94 26.37 6.06 -13.79
CA THR A 94 25.30 5.07 -13.65
C THR A 94 25.65 4.03 -12.58
N ILE A 95 26.92 3.77 -12.37
CA ILE A 95 27.35 2.90 -11.24
C ILE A 95 26.93 3.56 -9.93
N LEU A 96 27.19 4.86 -9.80
CA LEU A 96 26.77 5.61 -8.60
C LEU A 96 25.23 5.49 -8.42
N VAL A 97 24.46 5.66 -9.49
CA VAL A 97 23.03 5.54 -9.40
C VAL A 97 22.61 4.22 -8.73
N TRP A 98 23.13 3.10 -9.26
CA TRP A 98 22.68 1.81 -8.76
C TRP A 98 23.38 1.43 -7.46
N GLN A 99 24.50 2.04 -7.14
CA GLN A 99 25.01 1.96 -5.74
C GLN A 99 24.03 2.59 -4.78
N GLU A 100 23.53 3.78 -5.12
CA GLU A 100 22.60 4.43 -4.24
C GLU A 100 21.25 3.72 -4.19
N VAL A 101 20.85 3.08 -5.30
CA VAL A 101 19.65 2.26 -5.28
C VAL A 101 19.84 1.11 -4.25
N GLU A 102 21.00 0.50 -4.31
CA GLU A 102 21.24 -0.57 -3.35
C GLU A 102 21.13 -0.08 -1.89
N SER A 103 21.77 1.05 -1.61
CA SER A 103 21.77 1.63 -0.26
C SER A 103 20.38 2.04 0.21
N HIS A 104 19.63 2.73 -0.66
CA HIS A 104 18.38 3.38 -0.25
C HIS A 104 17.08 2.67 -0.62
N GLN A 105 17.05 1.89 -1.70
CA GLN A 105 15.85 1.19 -2.11
C GLN A 105 15.84 -0.27 -1.71
N PHE A 106 16.96 -0.96 -1.89
CA PHE A 106 17.03 -2.39 -1.64
C PHE A 106 17.34 -2.69 -0.18
N ASP A 107 18.39 -2.09 0.31
CA ASP A 107 18.95 -2.52 1.60
C ASP A 107 17.96 -2.42 2.78
N PRO A 108 17.11 -1.40 2.85
CA PRO A 108 16.26 -1.33 4.03
C PRO A 108 15.38 -2.57 4.19
N SER A 109 14.65 -2.92 3.13
N SER A 109 14.66 -2.97 3.14
CA SER A 109 13.77 -4.06 3.22
CA SER A 109 13.76 -4.11 3.33
C SER A 109 14.57 -5.34 3.32
C SER A 109 14.49 -5.44 3.23
N ALA A 110 15.58 -5.50 2.46
CA ALA A 110 16.34 -6.74 2.41
C ALA A 110 16.98 -7.01 3.76
N SER A 111 17.54 -5.97 4.39
CA SER A 111 18.23 -6.12 5.70
C SER A 111 17.23 -6.54 6.77
N LYS A 112 16.04 -5.98 6.70
CA LYS A 112 14.98 -6.32 7.65
C LYS A 112 14.55 -7.79 7.53
N LEU A 113 14.38 -8.26 6.29
CA LEU A 113 14.11 -9.66 6.03
C LEU A 113 15.22 -10.59 6.49
N VAL A 114 16.47 -10.14 6.36
CA VAL A 114 17.59 -10.98 6.81
C VAL A 114 17.60 -11.02 8.33
N TRP A 115 17.28 -9.89 8.95
CA TRP A 115 17.28 -9.82 10.42
C TRP A 115 16.23 -10.79 10.96
N GLU A 116 15.01 -10.67 10.44
CA GLU A 116 13.90 -11.52 10.89
C GLU A 116 14.06 -13.02 10.67
N GLN A 117 14.65 -13.42 9.56
CA GLN A 117 14.60 -14.81 9.13
C GLN A 117 15.90 -15.53 9.33
N VAL A 118 16.99 -14.79 9.47
CA VAL A 118 18.30 -15.44 9.50
C VAL A 118 18.96 -15.21 10.85
N PHE A 119 19.01 -13.96 11.27
CA PHE A 119 19.73 -13.58 12.48
C PHE A 119 18.93 -13.83 13.77
N LYS A 120 17.69 -13.35 13.85
CA LYS A 120 16.87 -13.61 15.03
C LYS A 120 16.84 -15.10 15.42
N PRO A 121 16.59 -16.01 14.46
CA PRO A 121 16.59 -17.43 14.83
C PRO A 121 17.89 -17.88 15.52
N VAL A 122 19.04 -17.52 14.94
CA VAL A 122 20.33 -17.77 15.59
C VAL A 122 20.32 -17.31 17.04
N PHE A 123 19.84 -16.09 17.26
CA PHE A 123 19.76 -15.55 18.61
C PHE A 123 18.59 -16.20 19.31
N GLY A 124 18.02 -15.51 20.29
CA GLY A 124 16.87 -16.04 21.02
C GLY A 124 15.62 -15.20 20.75
N LEU A 125 15.58 -14.62 19.56
CA LEU A 125 14.48 -13.76 19.19
C LEU A 125 13.59 -14.53 18.18
N PRO A 126 12.29 -14.21 18.13
CA PRO A 126 11.29 -14.90 17.26
C PRO A 126 11.04 -14.24 15.87
N THR A 127 10.93 -15.02 14.79
CA THR A 127 10.64 -14.48 13.45
C THR A 127 9.21 -13.94 13.37
N ASP A 128 9.07 -12.63 13.22
CA ASP A 128 7.76 -11.98 13.09
C ASP A 128 7.16 -12.22 11.69
N ALA A 129 6.28 -13.20 11.56
CA ALA A 129 5.77 -13.60 10.26
C ALA A 129 5.03 -12.47 9.51
N ALA A 130 4.30 -11.64 10.25
CA ALA A 130 3.54 -10.51 9.71
C ALA A 130 4.43 -9.45 9.08
N LEU A 131 5.44 -9.05 9.84
CA LEU A 131 6.42 -8.10 9.38
C LEU A 131 7.20 -8.68 8.18
N VAL A 132 7.50 -9.97 8.20
CA VAL A 132 8.14 -10.58 7.03
C VAL A 132 7.21 -10.46 5.82
N ALA A 133 5.93 -10.78 5.96
CA ALA A 133 4.99 -10.66 4.84
C ALA A 133 4.94 -9.24 4.29
N GLU A 134 4.84 -8.27 5.18
CA GLU A 134 4.67 -6.90 4.78
C GLU A 134 5.94 -6.41 4.07
N THR A 135 7.08 -6.81 4.61
CA THR A 135 8.36 -6.35 4.08
C THR A 135 8.65 -7.02 2.74
N GLU A 136 8.15 -8.24 2.54
CA GLU A 136 8.26 -8.90 1.25
C GLU A 136 7.43 -8.13 0.18
N VAL A 137 6.34 -7.48 0.56
CA VAL A 137 5.58 -6.68 -0.40
C VAL A 137 6.50 -5.55 -0.93
N THR A 138 7.19 -4.89 0.01
CA THR A 138 8.07 -3.76 -0.27
C THR A 138 9.24 -4.20 -1.12
N LEU A 139 9.90 -5.29 -0.73
CA LEU A 139 11.04 -5.77 -1.51
C LEU A 139 10.59 -6.24 -2.90
N GLY A 140 9.40 -6.86 -2.98
CA GLY A 140 8.90 -7.32 -4.26
C GLY A 140 8.75 -6.17 -5.23
N LYS A 141 8.22 -5.05 -4.75
CA LYS A 141 8.08 -3.87 -5.61
C LYS A 141 9.43 -3.29 -6.07
N VAL A 142 10.40 -3.23 -5.17
CA VAL A 142 11.76 -2.90 -5.56
C VAL A 142 12.26 -3.85 -6.69
N LEU A 143 12.07 -5.15 -6.50
CA LEU A 143 12.61 -6.10 -7.43
C LEU A 143 11.82 -6.09 -8.76
N ASP A 144 10.59 -5.57 -8.75
CA ASP A 144 9.87 -5.35 -9.99
C ASP A 144 10.61 -4.28 -10.84
N VAL A 145 11.12 -3.23 -10.19
CA VAL A 145 11.94 -2.23 -10.88
C VAL A 145 13.23 -2.86 -11.37
N TYR A 146 13.83 -3.71 -10.54
CA TYR A 146 15.06 -4.40 -10.96
C TYR A 146 14.83 -5.28 -12.19
N GLU A 147 13.72 -6.02 -12.20
CA GLU A 147 13.39 -6.90 -13.31
C GLU A 147 13.33 -6.11 -14.62
N ALA A 148 12.72 -4.92 -14.55
CA ALA A 148 12.61 -4.07 -15.70
C ALA A 148 13.98 -3.59 -16.13
N ARG A 149 14.82 -3.24 -15.16
CA ARG A 149 16.14 -2.75 -15.47
C ARG A 149 17.00 -3.84 -16.11
N LEU A 150 16.94 -5.03 -15.52
CA LEU A 150 17.76 -6.15 -15.95
C LEU A 150 17.24 -6.77 -17.25
N SER A 151 16.06 -6.36 -17.68
CA SER A 151 15.55 -6.70 -19.02
C SER A 151 16.21 -5.85 -20.09
N GLN A 152 16.73 -4.67 -19.69
CA GLN A 152 17.41 -3.77 -20.62
C GLN A 152 18.92 -3.76 -20.49
N SER A 153 19.45 -4.22 -19.35
CA SER A 153 20.87 -4.17 -19.05
C SER A 153 21.30 -5.48 -18.44
N LYS A 154 22.45 -6.03 -18.83
CA LYS A 154 22.82 -7.37 -18.33
C LYS A 154 23.06 -7.30 -16.83
N TYR A 155 23.75 -6.24 -16.38
CA TYR A 155 23.89 -5.98 -14.96
C TYR A 155 23.23 -4.61 -14.64
N LEU A 156 23.26 -4.20 -13.36
CA LEU A 156 22.44 -3.06 -12.99
C LEU A 156 22.90 -1.74 -13.58
N ALA A 157 24.21 -1.55 -13.71
CA ALA A 157 24.70 -0.24 -14.06
C ALA A 157 25.21 -0.22 -15.49
N SER A 158 25.36 -1.39 -16.07
CA SER A 158 25.99 -1.53 -17.39
C SER A 158 25.81 -2.98 -17.80
N ASP A 159 26.38 -3.35 -18.93
CA ASP A 159 26.35 -4.76 -19.31
C ASP A 159 27.45 -5.56 -18.64
N SER A 160 28.17 -4.97 -17.69
CA SER A 160 29.24 -5.70 -16.99
C SER A 160 29.03 -5.60 -15.49
N PHE A 161 29.60 -6.54 -14.76
CA PHE A 161 29.53 -6.56 -13.32
C PHE A 161 30.25 -5.36 -12.75
N THR A 162 29.61 -4.67 -11.82
CA THR A 162 30.21 -3.53 -11.16
C THR A 162 29.96 -3.57 -9.66
N LEU A 163 30.51 -2.58 -8.96
CA LEU A 163 30.25 -2.45 -7.56
C LEU A 163 28.78 -2.32 -7.22
N ALA A 164 27.96 -1.76 -8.10
CA ALA A 164 26.54 -1.70 -7.85
C ALA A 164 25.91 -3.08 -7.67
N ASP A 165 26.34 -4.03 -8.48
CA ASP A 165 25.88 -5.41 -8.32
C ASP A 165 26.46 -6.01 -7.07
N LEU A 166 27.78 -5.89 -6.93
CA LEU A 166 28.52 -6.53 -5.82
C LEU A 166 27.92 -6.20 -4.48
N HIS A 167 27.57 -4.94 -4.23
CA HIS A 167 27.03 -4.62 -2.93
C HIS A 167 25.74 -5.30 -2.50
N HIS A 168 25.05 -5.93 -3.45
CA HIS A 168 23.85 -6.69 -3.15
C HIS A 168 24.13 -8.08 -2.65
N LEU A 169 25.37 -8.58 -2.83
CA LEU A 169 25.61 -10.02 -2.62
C LEU A 169 25.23 -10.51 -1.22
N PRO A 170 25.66 -9.80 -0.14
CA PRO A 170 25.48 -10.46 1.18
C PRO A 170 24.02 -10.68 1.55
N ASN A 171 23.18 -9.67 1.35
CA ASN A 171 21.78 -9.86 1.68
C ASN A 171 21.06 -10.76 0.71
N ILE A 172 21.38 -10.70 -0.60
CA ILE A 172 20.75 -11.64 -1.51
C ILE A 172 21.10 -13.09 -1.11
N GLN A 173 22.37 -13.38 -0.84
CA GLN A 173 22.78 -14.76 -0.47
C GLN A 173 22.03 -15.21 0.77
N ALA A 174 21.97 -14.33 1.78
CA ALA A 174 21.28 -14.64 3.03
C ALA A 174 19.80 -14.91 2.77
N LEU A 175 19.15 -14.12 1.91
CA LEU A 175 17.74 -14.38 1.62
C LEU A 175 17.48 -15.67 0.81
N LEU A 176 18.45 -16.13 0.04
CA LEU A 176 18.31 -17.38 -0.73
C LEU A 176 18.12 -18.56 0.23
N GLY A 177 18.54 -18.41 1.48
CA GLY A 177 18.41 -19.49 2.44
C GLY A 177 17.15 -19.37 3.24
N THR A 178 16.20 -18.57 2.73
CA THR A 178 14.93 -18.32 3.40
C THR A 178 13.81 -18.42 2.33
N PRO A 179 12.56 -18.41 2.77
CA PRO A 179 11.46 -18.40 1.80
C PRO A 179 11.33 -17.07 1.01
N SER A 180 12.12 -16.07 1.35
CA SER A 180 12.20 -14.85 0.56
C SER A 180 12.89 -15.18 -0.76
N LYS A 181 13.43 -16.39 -0.90
CA LYS A 181 14.06 -16.82 -2.14
C LYS A 181 13.08 -16.73 -3.30
N LYS A 182 11.81 -16.95 -3.00
CA LYS A 182 10.80 -16.91 -4.07
C LYS A 182 10.68 -15.56 -4.76
N LEU A 183 10.95 -14.48 -4.05
CA LEU A 183 10.97 -13.13 -4.67
C LEU A 183 12.00 -13.05 -5.78
N PHE A 184 13.14 -13.73 -5.62
CA PHE A 184 14.14 -13.71 -6.67
C PHE A 184 13.75 -14.76 -7.76
N ASP A 185 13.34 -15.97 -7.34
CA ASP A 185 13.01 -17.03 -8.29
C ASP A 185 11.91 -16.66 -9.29
N SER A 186 10.96 -15.84 -8.84
CA SER A 186 9.76 -15.57 -9.68
C SER A 186 9.95 -14.50 -10.75
N ARG A 187 11.10 -13.83 -10.73
CA ARG A 187 11.40 -12.71 -11.60
C ARG A 187 12.59 -13.15 -12.48
N PRO A 188 12.35 -13.50 -13.76
CA PRO A 188 13.42 -14.27 -14.45
C PRO A 188 14.72 -13.55 -14.71
N HIS A 189 14.69 -12.25 -15.01
CA HIS A 189 15.96 -11.54 -15.23
C HIS A 189 16.68 -11.35 -13.88
N VAL A 190 15.93 -11.04 -12.84
CA VAL A 190 16.49 -10.96 -11.49
C VAL A 190 17.14 -12.29 -11.10
N SER A 191 16.42 -13.37 -11.35
CA SER A 191 16.90 -14.69 -10.99
C SER A 191 18.25 -15.01 -11.65
N ALA A 192 18.34 -14.82 -12.96
CA ALA A 192 19.58 -15.04 -13.68
C ALA A 192 20.69 -14.11 -13.25
N TRP A 193 20.34 -12.87 -12.94
CA TRP A 193 21.32 -11.93 -12.41
C TRP A 193 21.84 -12.42 -11.05
N VAL A 194 20.94 -12.89 -10.19
CA VAL A 194 21.35 -13.44 -8.89
C VAL A 194 22.29 -14.64 -9.09
N ALA A 195 21.91 -15.54 -9.99
CA ALA A 195 22.78 -16.65 -10.36
C ALA A 195 24.16 -16.20 -10.85
N SER A 196 24.19 -15.14 -11.66
CA SER A 196 25.43 -14.65 -12.26
C SER A 196 26.34 -14.06 -11.20
N ILE A 197 25.79 -13.29 -10.27
CA ILE A 197 26.64 -12.65 -9.31
C ILE A 197 27.04 -13.61 -8.16
N THR A 198 26.11 -14.43 -7.67
CA THR A 198 26.48 -15.38 -6.62
C THR A 198 27.39 -16.53 -7.10
N GLY A 199 27.46 -16.77 -8.40
CA GLY A 199 28.31 -17.78 -8.96
C GLY A 199 29.75 -17.35 -9.24
N ARG A 200 30.06 -16.07 -9.02
CA ARG A 200 31.42 -15.57 -9.22
C ARG A 200 32.43 -16.17 -8.27
N PRO A 201 33.66 -16.37 -8.76
CA PRO A 201 34.70 -16.96 -7.90
C PRO A 201 34.95 -16.16 -6.64
N ALA A 202 34.94 -14.81 -6.72
CA ALA A 202 35.25 -14.01 -5.55
C ALA A 202 34.20 -14.22 -4.47
N TRP A 203 32.95 -14.36 -4.88
CA TRP A 203 31.88 -14.56 -3.89
C TRP A 203 32.02 -15.97 -3.26
N GLY A 204 32.41 -16.96 -4.04
CA GLY A 204 32.64 -18.29 -3.49
C GLY A 204 33.72 -18.28 -2.40
N LYS A 205 34.73 -17.45 -2.58
CA LYS A 205 35.78 -17.32 -1.59
C LYS A 205 35.22 -16.73 -0.30
N VAL A 206 34.27 -15.78 -0.40
CA VAL A 206 33.61 -15.30 0.82
C VAL A 206 32.84 -16.41 1.52
N LEU A 207 32.06 -17.15 0.72
CA LEU A 207 31.17 -18.17 1.25
C LEU A 207 32.03 -19.31 1.87
N ALA A 208 33.23 -19.49 1.32
CA ALA A 208 34.17 -20.52 1.86
C ALA A 208 34.52 -20.27 3.32
N LEU A 209 34.37 -19.02 3.79
CA LEU A 209 34.77 -18.63 5.14
C LEU A 209 33.65 -18.81 6.15
N LEU A 210 32.47 -19.14 5.63
CA LEU A 210 31.28 -19.36 6.45
C LEU A 210 31.12 -20.79 6.80
N PRO A 211 31.34 -21.15 8.07
CA PRO A 211 31.26 -22.55 8.48
C PRO A 211 29.83 -23.09 8.60
N PRO B 2 21.92 23.02 -20.92
CA PRO B 2 22.03 22.94 -19.46
C PRO B 2 21.55 21.60 -18.88
N LEU B 3 22.10 21.24 -17.74
CA LEU B 3 21.60 20.10 -17.00
C LEU B 3 20.13 20.38 -16.61
N LYS B 4 19.31 19.36 -16.74
N LYS B 4 19.30 19.35 -16.72
CA LYS B 4 17.92 19.46 -16.34
CA LYS B 4 17.90 19.46 -16.35
C LYS B 4 17.71 18.66 -15.08
C LYS B 4 17.60 18.64 -15.12
N LEU B 5 17.21 19.34 -14.05
CA LEU B 5 16.94 18.70 -12.76
C LEU B 5 15.43 18.60 -12.58
N HIS B 6 14.97 17.37 -12.55
CA HIS B 6 13.54 17.09 -12.43
C HIS B 6 13.17 16.82 -10.97
N GLY B 7 12.49 17.77 -10.32
CA GLY B 7 12.12 17.61 -8.93
C GLY B 7 11.33 18.77 -8.43
N SER B 8 11.39 19.00 -7.13
CA SER B 8 10.59 20.03 -6.50
C SER B 8 11.38 20.81 -5.49
N VAL B 9 11.20 22.12 -5.41
CA VAL B 9 12.00 22.91 -4.47
C VAL B 9 11.74 22.51 -3.04
N LEU B 10 10.59 21.89 -2.74
CA LEU B 10 10.29 21.55 -1.33
C LEU B 10 10.67 20.12 -0.99
N SER B 11 11.26 19.43 -1.96
CA SER B 11 11.82 18.10 -1.76
C SER B 11 13.21 18.22 -1.19
N THR B 12 13.42 17.59 -0.03
CA THR B 12 14.76 17.60 0.60
C THR B 12 15.80 16.92 -0.30
N ASN B 13 15.40 15.82 -0.97
CA ASN B 13 16.35 15.16 -1.81
C ASN B 13 16.67 15.98 -3.05
N THR B 14 15.69 16.74 -3.57
CA THR B 14 16.03 17.67 -4.65
C THR B 14 16.97 18.80 -4.16
N GLN B 15 16.71 19.30 -2.95
CA GLN B 15 17.55 20.33 -2.35
C GLN B 15 18.99 19.92 -2.26
N ARG B 16 19.23 18.63 -1.96
CA ARG B 16 20.57 18.12 -1.89
C ARG B 16 21.32 18.34 -3.22
N VAL B 17 20.67 18.06 -4.35
CA VAL B 17 21.31 18.26 -5.64
C VAL B 17 21.44 19.73 -6.01
N LEU B 18 20.44 20.52 -5.65
CA LEU B 18 20.49 21.97 -5.90
C LEU B 18 21.71 22.58 -5.20
N ALA B 19 21.97 22.13 -3.98
CA ALA B 19 23.16 22.60 -3.26
C ALA B 19 24.46 22.34 -4.02
N THR B 20 24.65 21.11 -4.50
CA THR B 20 25.84 20.80 -5.29
C THR B 20 25.90 21.62 -6.58
N LEU B 21 24.78 21.74 -7.28
CA LEU B 21 24.77 22.48 -8.49
C LEU B 21 25.23 23.93 -8.26
N TYR B 22 24.73 24.53 -7.21
CA TYR B 22 25.11 25.90 -6.86
C TYR B 22 26.60 25.98 -6.42
N GLU B 23 27.08 25.03 -5.60
CA GLU B 23 28.51 25.03 -5.20
C GLU B 23 29.43 24.94 -6.42
N LYS B 24 29.02 24.14 -7.39
CA LYS B 24 29.85 23.82 -8.57
C LYS B 24 29.64 24.83 -9.70
N GLU B 25 28.72 25.78 -9.51
CA GLU B 25 28.40 26.85 -10.47
C GLU B 25 27.99 26.26 -11.83
N VAL B 26 27.21 25.20 -11.78
CA VAL B 26 26.84 24.50 -13.00
C VAL B 26 25.54 25.09 -13.51
N GLU B 27 25.49 25.37 -14.81
N GLU B 27 25.50 25.38 -14.82
CA GLU B 27 24.26 25.88 -15.40
CA GLU B 27 24.26 25.84 -15.45
C GLU B 27 23.21 24.78 -15.51
C GLU B 27 23.23 24.74 -15.44
N PHE B 28 22.03 25.05 -14.99
CA PHE B 28 20.94 24.07 -14.98
C PHE B 28 19.59 24.73 -15.02
N GLU B 29 18.59 23.93 -15.33
CA GLU B 29 17.20 24.34 -15.20
C GLU B 29 16.42 23.31 -14.42
N LEU B 30 15.54 23.83 -13.57
CA LEU B 30 14.63 23.02 -12.79
C LEU B 30 13.41 22.70 -13.62
N VAL B 31 13.13 21.41 -13.73
CA VAL B 31 11.87 20.94 -14.30
C VAL B 31 10.97 20.48 -13.15
N ASN B 32 9.87 21.19 -12.95
CA ASN B 32 9.00 20.98 -11.83
C ASN B 32 8.18 19.72 -11.94
N VAL B 33 8.16 18.99 -10.83
CA VAL B 33 7.39 17.76 -10.72
C VAL B 33 6.39 18.02 -9.61
N ASN B 34 5.11 17.94 -9.97
CA ASN B 34 4.05 18.21 -9.04
C ASN B 34 3.74 16.98 -8.19
N LEU B 35 4.28 16.98 -6.98
CA LEU B 35 4.16 15.82 -6.13
C LEU B 35 2.71 15.59 -5.68
N GLY B 36 2.00 16.68 -5.35
CA GLY B 36 0.62 16.54 -4.91
C GLY B 36 -0.27 15.92 -5.98
N ALA B 37 0.05 16.22 -7.23
CA ALA B 37 -0.65 15.67 -8.36
C ALA B 37 -0.21 14.25 -8.73
N GLY B 38 0.78 13.72 -8.01
CA GLY B 38 1.34 12.40 -8.31
C GLY B 38 2.13 12.32 -9.59
N GLU B 39 2.70 13.44 -10.04
CA GLU B 39 3.42 13.40 -11.31
C GLU B 39 4.70 12.55 -11.20
N HIS B 40 5.21 12.44 -9.98
CA HIS B 40 6.46 11.69 -9.77
C HIS B 40 6.22 10.20 -9.97
N LYS B 41 4.95 9.82 -9.98
CA LYS B 41 4.53 8.40 -10.21
C LYS B 41 4.01 8.16 -11.61
N GLN B 42 4.00 9.20 -12.44
CA GLN B 42 3.58 9.11 -13.84
C GLN B 42 4.71 9.27 -14.82
N GLU B 43 4.38 9.07 -16.10
CA GLU B 43 5.30 9.28 -17.20
C GLU B 43 5.36 10.80 -17.53
N PRO B 44 6.52 11.32 -17.95
CA PRO B 44 7.79 10.64 -18.16
C PRO B 44 8.61 10.49 -16.85
N HIS B 45 8.12 11.02 -15.72
CA HIS B 45 9.06 11.08 -14.57
C HIS B 45 9.50 9.66 -14.21
N ILE B 46 8.59 8.70 -14.30
CA ILE B 46 8.96 7.31 -13.89
C ILE B 46 9.88 6.63 -14.89
N SER B 47 10.08 7.24 -16.06
CA SER B 47 11.13 6.85 -16.98
C SER B 47 12.49 7.43 -16.65
N LEU B 48 12.52 8.45 -15.78
CA LEU B 48 13.78 9.03 -15.33
C LEU B 48 14.15 8.50 -13.93
N ASN B 49 13.17 8.35 -13.06
CA ASN B 49 13.38 7.63 -11.78
C ASN B 49 12.34 6.52 -11.66
N PRO B 50 12.76 5.25 -11.90
CA PRO B 50 11.74 4.19 -11.94
C PRO B 50 11.13 3.81 -10.60
N PHE B 51 11.68 4.35 -9.52
CA PHE B 51 11.09 4.24 -8.21
C PHE B 51 10.08 5.32 -7.88
N GLY B 52 9.84 6.21 -8.83
CA GLY B 52 8.78 7.16 -8.62
C GLY B 52 9.08 8.14 -7.53
N GLN B 53 10.32 8.61 -7.51
CA GLN B 53 10.80 9.60 -6.56
C GLN B 53 11.52 10.75 -7.28
N VAL B 54 11.56 11.91 -6.63
CA VAL B 54 12.38 13.02 -7.09
C VAL B 54 13.63 13.12 -6.21
N PRO B 55 14.75 13.57 -6.78
CA PRO B 55 14.93 14.08 -8.12
C PRO B 55 15.39 13.05 -9.12
N ALA B 56 15.28 13.44 -10.38
CA ALA B 56 16.08 12.83 -11.41
C ALA B 56 16.77 13.94 -12.17
N ALA B 57 17.66 13.54 -13.04
CA ALA B 57 18.39 14.53 -13.85
C ALA B 57 18.75 13.98 -15.22
N VAL B 58 18.76 14.91 -16.18
CA VAL B 58 19.23 14.62 -17.55
C VAL B 58 20.33 15.62 -17.87
N ASP B 59 21.47 15.11 -18.29
CA ASP B 59 22.61 15.95 -18.65
C ASP B 59 23.18 15.34 -19.91
N GLY B 60 22.95 15.99 -21.06
CA GLY B 60 23.36 15.42 -22.32
C GLY B 60 22.64 14.10 -22.55
N ASP B 61 23.38 13.04 -22.84
CA ASP B 61 22.74 11.76 -23.11
C ASP B 61 22.57 10.92 -21.83
N LEU B 62 22.84 11.53 -20.69
CA LEU B 62 22.87 10.77 -19.44
C LEU B 62 21.62 11.06 -18.66
N LYS B 63 20.91 10.03 -18.19
CA LYS B 63 19.83 10.24 -17.25
C LYS B 63 20.15 9.48 -15.96
N LEU B 64 19.90 10.18 -14.86
CA LEU B 64 20.36 9.79 -13.54
C LEU B 64 19.24 9.95 -12.55
N PHE B 65 19.32 9.19 -11.46
CA PHE B 65 18.44 9.41 -10.31
C PHE B 65 19.20 8.98 -9.07
N GLU B 66 18.56 9.14 -7.91
CA GLU B 66 19.13 9.12 -6.55
C GLU B 66 19.95 10.38 -6.32
N SER B 67 19.49 11.17 -5.37
CA SER B 67 20.11 12.49 -5.12
C SER B 67 21.61 12.44 -4.86
N ARG B 68 22.10 11.43 -4.15
CA ARG B 68 23.52 11.45 -3.83
C ARG B 68 24.35 11.04 -5.02
N ALA B 69 23.75 10.26 -5.92
CA ALA B 69 24.45 9.88 -7.15
C ALA B 69 24.52 11.08 -8.07
N ILE B 70 23.41 11.79 -8.21
CA ILE B 70 23.40 12.99 -9.08
C ILE B 70 24.40 13.98 -8.51
N SER B 71 24.36 14.15 -7.19
CA SER B 71 25.31 15.05 -6.53
C SER B 71 26.76 14.71 -6.81
N GLN B 72 27.15 13.44 -6.59
N GLN B 72 27.12 13.45 -6.58
CA GLN B 72 28.55 13.06 -6.79
CA GLN B 72 28.49 13.02 -6.80
C GLN B 72 28.91 13.13 -8.28
C GLN B 72 28.89 13.16 -8.26
N TYR B 73 27.95 12.84 -9.17
CA TYR B 73 28.18 13.02 -10.60
C TYR B 73 28.50 14.51 -10.92
N VAL B 74 27.74 15.44 -10.37
CA VAL B 74 27.99 16.86 -10.66
C VAL B 74 29.37 17.26 -10.13
N ALA B 75 29.72 16.76 -8.96
CA ALA B 75 30.98 17.17 -8.33
C ALA B 75 32.20 16.66 -9.10
N HIS B 76 32.10 15.45 -9.69
CA HIS B 76 33.16 14.88 -10.52
C HIS B 76 33.18 15.44 -11.92
N GLN B 77 32.00 15.45 -12.55
CA GLN B 77 31.88 15.81 -13.97
C GLN B 77 32.30 17.28 -14.17
N TYR B 78 32.05 18.12 -13.18
CA TYR B 78 32.32 19.55 -13.28
C TYR B 78 33.35 19.98 -12.23
N ALA B 79 34.25 19.07 -11.90
CA ALA B 79 35.19 19.22 -10.79
C ALA B 79 35.95 20.56 -10.85
N SER B 80 36.35 20.98 -12.05
CA SER B 80 37.20 22.17 -12.14
C SER B 80 36.45 23.48 -11.88
N LYS B 81 35.12 23.47 -11.91
CA LYS B 81 34.34 24.67 -11.67
C LYS B 81 33.99 24.87 -10.20
N GLY B 82 33.88 26.13 -9.78
CA GLY B 82 33.35 26.43 -8.48
C GLY B 82 34.10 25.81 -7.33
N THR B 83 33.35 25.48 -6.28
CA THR B 83 33.91 24.95 -5.06
C THR B 83 34.56 23.60 -5.24
N GLN B 84 35.72 23.41 -4.62
CA GLN B 84 36.35 22.10 -4.68
C GLN B 84 35.74 21.18 -3.57
N LEU B 85 34.89 20.24 -3.98
CA LEU B 85 34.15 19.39 -3.04
C LEU B 85 34.80 18.04 -2.78
N GLY B 86 36.00 17.90 -3.35
CA GLY B 86 36.79 16.70 -3.25
C GLY B 86 37.95 17.03 -2.40
N ALA B 87 38.86 16.08 -2.29
CA ALA B 87 40.04 16.24 -1.47
C ALA B 87 41.23 15.71 -2.25
N ALA B 88 42.42 16.10 -1.81
CA ALA B 88 43.66 15.70 -2.46
C ALA B 88 44.08 14.31 -2.02
N GLY B 89 44.80 13.63 -2.91
CA GLY B 89 45.43 12.36 -2.59
C GLY B 89 44.41 11.33 -2.20
N ASN B 90 44.66 10.67 -1.07
CA ASN B 90 43.77 9.60 -0.66
C ASN B 90 42.63 10.13 0.19
N GLY B 91 42.51 11.46 0.29
CA GLY B 91 41.44 12.06 1.08
C GLY B 91 40.04 11.66 0.62
N TYR B 92 39.93 11.25 -0.63
CA TYR B 92 38.68 10.80 -1.18
C TYR B 92 38.10 9.67 -0.35
N ALA B 93 38.96 8.86 0.26
CA ALA B 93 38.49 7.70 0.99
C ALA B 93 37.67 8.10 2.21
N THR B 94 38.17 9.08 2.93
CA THR B 94 37.48 9.54 4.13
C THR B 94 36.20 10.33 3.76
N ILE B 95 36.17 10.98 2.60
CA ILE B 95 34.90 11.58 2.11
C ILE B 95 33.88 10.46 1.90
N LEU B 96 34.32 9.33 1.32
CA LEU B 96 33.41 8.18 1.13
C LEU B 96 32.87 7.74 2.47
N VAL B 97 33.75 7.62 3.47
CA VAL B 97 33.33 7.15 4.78
C VAL B 97 32.17 8.03 5.30
N TRP B 98 32.36 9.34 5.34
CA TRP B 98 31.35 10.17 5.95
C TRP B 98 30.13 10.40 5.02
N GLN B 99 30.27 10.20 3.72
CA GLN B 99 29.10 10.12 2.81
C GLN B 99 28.26 8.93 3.24
N GLU B 100 28.92 7.79 3.51
CA GLU B 100 28.15 6.61 3.90
C GLU B 100 27.59 6.73 5.31
N VAL B 101 28.26 7.44 6.22
CA VAL B 101 27.67 7.76 7.52
C VAL B 101 26.41 8.61 7.32
N GLU B 102 26.48 9.62 6.45
CA GLU B 102 25.27 10.40 6.16
C GLU B 102 24.14 9.50 5.66
N SER B 103 24.43 8.61 4.71
CA SER B 103 23.37 7.75 4.15
C SER B 103 22.80 6.77 5.15
N HIS B 104 23.67 6.15 5.95
CA HIS B 104 23.27 4.99 6.70
C HIS B 104 23.10 5.24 8.19
N GLN B 105 23.80 6.20 8.75
CA GLN B 105 23.67 6.50 10.17
C GLN B 105 22.78 7.71 10.43
N PHE B 106 22.95 8.78 9.66
CA PHE B 106 22.25 10.03 9.92
C PHE B 106 20.86 10.04 9.28
N ASP B 107 20.84 9.73 7.99
CA ASP B 107 19.62 9.99 7.23
C ASP B 107 18.38 9.23 7.63
N PRO B 108 18.49 7.94 8.03
CA PRO B 108 17.23 7.24 8.40
C PRO B 108 16.49 7.94 9.54
N SER B 109 17.21 8.29 10.59
CA SER B 109 16.61 9.01 11.70
C SER B 109 16.18 10.43 11.32
N ALA B 110 17.09 11.15 10.65
CA ALA B 110 16.84 12.56 10.34
C ALA B 110 15.63 12.70 9.42
N SER B 111 15.59 11.86 8.38
N SER B 111 15.56 11.83 8.40
CA SER B 111 14.49 11.92 7.43
CA SER B 111 14.50 11.91 7.40
C SER B 111 13.15 11.70 8.14
C SER B 111 13.12 11.56 7.99
N LYS B 112 13.12 10.71 9.02
CA LYS B 112 11.90 10.38 9.75
C LYS B 112 11.44 11.56 10.60
N LEU B 113 12.39 12.17 11.29
CA LEU B 113 12.10 13.36 12.05
C LEU B 113 11.53 14.50 11.18
N VAL B 114 12.08 14.68 9.96
CA VAL B 114 11.62 15.71 9.07
C VAL B 114 10.18 15.35 8.53
N TRP B 115 10.01 14.09 8.18
CA TRP B 115 8.68 13.61 7.76
C TRP B 115 7.62 13.90 8.83
N GLU B 116 7.92 13.50 10.07
CA GLU B 116 6.94 13.62 11.14
C GLU B 116 6.63 15.06 11.52
N GLN B 117 7.66 15.92 11.55
CA GLN B 117 7.53 17.26 12.10
C GLN B 117 7.32 18.36 11.08
N VAL B 118 7.76 18.14 9.85
CA VAL B 118 7.71 19.16 8.81
C VAL B 118 6.72 18.79 7.72
N PHE B 119 6.85 17.61 7.10
CA PHE B 119 5.94 17.32 5.98
C PHE B 119 4.55 16.92 6.45
N LYS B 120 4.44 16.03 7.43
CA LYS B 120 3.10 15.53 7.78
C LYS B 120 2.12 16.65 8.17
N PRO B 121 2.57 17.64 8.96
CA PRO B 121 1.66 18.73 9.33
C PRO B 121 1.07 19.50 8.16
N VAL B 122 1.81 19.70 7.08
CA VAL B 122 1.25 20.46 5.96
C VAL B 122 0.17 19.64 5.27
N PHE B 123 0.19 18.33 5.46
CA PHE B 123 -0.80 17.44 4.87
C PHE B 123 -1.97 17.19 5.84
N GLY B 124 -1.97 17.90 6.97
CA GLY B 124 -2.98 17.77 8.01
C GLY B 124 -2.86 16.60 8.98
N LEU B 125 -1.71 15.92 8.92
CA LEU B 125 -1.50 14.72 9.71
C LEU B 125 -0.73 15.09 10.94
N PRO B 126 -1.21 14.67 12.12
CA PRO B 126 -0.45 15.04 13.31
C PRO B 126 0.89 14.32 13.37
N THR B 127 1.87 15.06 13.87
CA THR B 127 3.15 14.49 14.22
C THR B 127 2.98 13.31 15.17
N ASP B 128 3.61 12.19 14.86
CA ASP B 128 3.70 11.07 15.82
C ASP B 128 4.77 11.36 16.83
N ALA B 129 4.37 11.98 17.96
CA ALA B 129 5.32 12.46 18.92
C ALA B 129 6.05 11.32 19.57
N ALA B 130 5.42 10.15 19.63
CA ALA B 130 6.08 8.99 20.25
C ALA B 130 7.23 8.54 19.38
N LEU B 131 7.00 8.52 18.08
CA LEU B 131 8.06 8.17 17.12
C LEU B 131 9.18 9.22 17.08
N VAL B 132 8.80 10.50 17.14
CA VAL B 132 9.77 11.57 17.18
C VAL B 132 10.67 11.38 18.41
N ALA B 133 10.09 11.08 19.58
CA ALA B 133 10.91 10.96 20.78
C ALA B 133 11.91 9.85 20.63
N GLU B 134 11.46 8.68 20.20
CA GLU B 134 12.43 7.59 20.12
C GLU B 134 13.44 7.80 18.98
N THR B 135 13.02 8.48 17.92
CA THR B 135 13.94 8.72 16.83
C THR B 135 15.00 9.77 17.20
N GLU B 136 14.62 10.74 18.04
CA GLU B 136 15.58 11.69 18.54
C GLU B 136 16.63 11.01 19.41
N VAL B 137 16.27 9.91 20.08
CA VAL B 137 17.26 9.20 20.89
C VAL B 137 18.37 8.69 19.96
N THR B 138 17.96 8.06 18.87
CA THR B 138 18.86 7.47 17.90
C THR B 138 19.70 8.56 17.29
N LEU B 139 19.05 9.61 16.82
CA LEU B 139 19.81 10.71 16.25
C LEU B 139 20.79 11.40 17.23
N GLY B 140 20.43 11.55 18.51
CA GLY B 140 21.36 12.09 19.49
C GLY B 140 22.61 11.23 19.59
N LYS B 141 22.43 9.92 19.54
CA LYS B 141 23.56 9.02 19.64
C LYS B 141 24.50 9.20 18.43
N VAL B 142 23.91 9.41 17.26
CA VAL B 142 24.67 9.67 16.04
C VAL B 142 25.40 11.00 16.17
N LEU B 143 24.70 12.01 16.68
CA LEU B 143 25.31 13.30 16.80
C LEU B 143 26.37 13.34 17.90
N ASP B 144 26.29 12.47 18.89
CA ASP B 144 27.41 12.34 19.83
C ASP B 144 28.71 11.88 19.15
N VAL B 145 28.59 10.94 18.19
CA VAL B 145 29.72 10.55 17.38
C VAL B 145 30.18 11.75 16.57
N TYR B 146 29.22 12.52 16.01
CA TYR B 146 29.63 13.69 15.23
C TYR B 146 30.38 14.73 16.11
N GLU B 147 29.94 14.88 17.33
CA GLU B 147 30.49 15.88 18.23
C GLU B 147 31.98 15.53 18.50
N ALA B 148 32.23 14.25 18.66
CA ALA B 148 33.61 13.78 18.85
C ALA B 148 34.44 13.98 17.57
N ARG B 149 33.88 13.65 16.42
CA ARG B 149 34.58 13.83 15.15
C ARG B 149 34.90 15.27 14.86
N LEU B 150 33.91 16.13 15.11
CA LEU B 150 34.05 17.52 14.75
C LEU B 150 34.89 18.26 15.79
N SER B 151 35.19 17.60 16.90
CA SER B 151 36.22 18.13 17.82
C SER B 151 37.65 17.92 17.28
N GLN B 152 37.82 16.93 16.40
CA GLN B 152 39.13 16.59 15.81
C GLN B 152 39.32 17.10 14.38
N SER B 153 38.21 17.36 13.68
CA SER B 153 38.25 17.75 12.28
C SER B 153 37.22 18.86 12.09
N LYS B 154 37.60 19.89 11.32
CA LYS B 154 36.75 21.09 11.17
C LYS B 154 35.43 20.70 10.51
N TYR B 155 35.52 19.84 9.50
CA TYR B 155 34.34 19.30 8.81
C TYR B 155 34.40 17.78 8.96
N LEU B 156 33.46 17.03 8.38
CA LEU B 156 33.37 15.62 8.74
C LEU B 156 34.47 14.80 8.13
N ALA B 157 34.87 15.09 6.90
CA ALA B 157 35.81 14.20 6.20
C ALA B 157 37.24 14.76 6.17
N SER B 158 37.39 16.02 6.59
CA SER B 158 38.64 16.74 6.44
C SER B 158 38.45 18.10 7.11
N ASP B 159 39.45 18.95 7.03
CA ASP B 159 39.30 20.29 7.61
C ASP B 159 38.64 21.25 6.61
N SER B 160 38.18 20.74 5.47
CA SER B 160 37.45 21.55 4.50
C SER B 160 36.08 20.96 4.21
N PHE B 161 35.18 21.81 3.77
CA PHE B 161 33.85 21.39 3.30
C PHE B 161 33.90 20.43 2.14
N THR B 162 33.19 19.30 2.26
CA THR B 162 33.14 18.34 1.17
C THR B 162 31.71 17.87 0.98
N LEU B 163 31.50 17.00 -0.01
CA LEU B 163 30.20 16.44 -0.28
C LEU B 163 29.64 15.70 0.96
N ALA B 164 30.51 15.15 1.81
CA ALA B 164 30.04 14.51 3.04
C ALA B 164 29.23 15.49 3.92
N ASP B 165 29.74 16.72 4.01
CA ASP B 165 29.01 17.75 4.77
C ASP B 165 27.77 18.15 4.02
N LEU B 166 27.95 18.44 2.74
CA LEU B 166 26.88 18.98 1.90
C LEU B 166 25.61 18.10 1.95
N HIS B 167 25.77 16.78 1.91
CA HIS B 167 24.63 15.93 1.84
C HIS B 167 23.73 15.98 3.05
N HIS B 168 24.26 16.53 4.14
CA HIS B 168 23.50 16.72 5.39
C HIS B 168 22.58 17.94 5.34
N LEU B 169 22.82 18.86 4.40
CA LEU B 169 22.16 20.17 4.55
C LEU B 169 20.62 20.11 4.57
N PRO B 170 20.01 19.37 3.63
CA PRO B 170 18.56 19.52 3.61
C PRO B 170 17.83 19.09 4.86
N ASN B 171 18.16 17.95 5.44
CA ASN B 171 17.47 17.55 6.65
C ASN B 171 17.92 18.39 7.87
N ILE B 172 19.20 18.78 7.93
CA ILE B 172 19.62 19.59 9.06
C ILE B 172 18.83 20.92 9.01
N GLN B 173 18.73 21.55 7.84
CA GLN B 173 17.99 22.82 7.73
C GLN B 173 16.53 22.64 8.17
N ALA B 174 15.92 21.56 7.69
CA ALA B 174 14.51 21.29 8.00
C ALA B 174 14.31 21.11 9.51
N LEU B 175 15.22 20.37 10.14
CA LEU B 175 15.14 20.17 11.59
C LEU B 175 15.36 21.43 12.42
N LEU B 176 16.06 22.40 11.89
CA LEU B 176 16.31 23.65 12.61
C LEU B 176 14.98 24.36 12.85
N GLY B 177 13.98 24.05 12.04
CA GLY B 177 12.67 24.68 12.18
C GLY B 177 11.73 23.92 13.09
N THR B 178 12.27 23.01 13.89
CA THR B 178 11.52 22.07 14.71
C THR B 178 12.17 22.01 16.09
N PRO B 179 11.50 21.35 17.06
CA PRO B 179 12.14 21.18 18.38
C PRO B 179 13.38 20.27 18.34
N SER B 180 13.64 19.62 17.21
CA SER B 180 14.84 18.79 17.07
C SER B 180 16.08 19.65 16.95
N LYS B 181 15.88 20.96 16.77
CA LYS B 181 17.01 21.88 16.71
C LYS B 181 17.87 21.71 17.95
N LYS B 182 17.24 21.36 19.06
CA LYS B 182 17.98 21.29 20.34
C LYS B 182 19.09 20.22 20.27
N LEU B 183 18.87 19.18 19.48
CA LEU B 183 19.92 18.15 19.27
C LEU B 183 21.19 18.76 18.72
N PHE B 184 21.04 19.77 17.86
CA PHE B 184 22.19 20.45 17.29
C PHE B 184 22.77 21.52 18.20
N ASP B 185 21.89 22.33 18.76
CA ASP B 185 22.31 23.40 19.64
C ASP B 185 23.14 22.95 20.84
N SER B 186 22.78 21.80 21.39
CA SER B 186 23.35 21.32 22.66
C SER B 186 24.74 20.68 22.53
N ARG B 187 25.20 20.46 21.29
CA ARG B 187 26.48 19.86 20.98
C ARG B 187 27.33 20.93 20.34
N PRO B 188 28.32 21.47 21.07
CA PRO B 188 28.86 22.74 20.60
C PRO B 188 29.66 22.69 19.30
N HIS B 189 30.39 21.62 18.97
CA HIS B 189 31.09 21.53 17.67
C HIS B 189 30.09 21.25 16.55
N VAL B 190 29.11 20.43 16.85
CA VAL B 190 28.05 20.15 15.86
C VAL B 190 27.35 21.47 15.53
N SER B 191 27.00 22.22 16.58
CA SER B 191 26.29 23.48 16.39
C SER B 191 27.04 24.43 15.47
N ALA B 192 28.33 24.63 15.74
CA ALA B 192 29.15 25.48 14.90
C ALA B 192 29.33 24.98 13.48
N TRP B 193 29.46 23.65 13.32
CA TRP B 193 29.54 23.03 12.02
C TRP B 193 28.22 23.30 11.27
N VAL B 194 27.10 23.12 11.96
CA VAL B 194 25.82 23.42 11.32
C VAL B 194 25.78 24.89 10.87
N ALA B 195 26.23 25.80 11.73
CA ALA B 195 26.25 27.23 11.37
C ALA B 195 27.10 27.41 10.14
N SER B 196 28.24 26.72 10.12
CA SER B 196 29.19 26.87 9.03
C SER B 196 28.61 26.39 7.70
N ILE B 197 27.92 25.25 7.70
CA ILE B 197 27.47 24.73 6.41
C ILE B 197 26.18 25.43 5.94
N THR B 198 25.28 25.73 6.85
CA THR B 198 24.02 26.37 6.48
C THR B 198 24.25 27.84 6.10
N GLY B 199 25.39 28.43 6.50
CA GLY B 199 25.73 29.81 6.19
C GLY B 199 26.40 30.03 4.86
N ARG B 200 26.64 28.94 4.14
CA ARG B 200 27.30 29.04 2.86
C ARG B 200 26.43 29.67 1.79
N PRO B 201 27.04 30.48 0.93
CA PRO B 201 26.23 31.10 -0.12
C PRO B 201 25.46 30.16 -1.04
N ALA B 202 26.05 29.01 -1.38
CA ALA B 202 25.35 28.09 -2.27
C ALA B 202 24.11 27.57 -1.59
N TRP B 203 24.21 27.30 -0.28
CA TRP B 203 23.03 26.87 0.45
C TRP B 203 22.02 28.01 0.58
N GLY B 204 22.48 29.24 0.76
CA GLY B 204 21.53 30.36 0.74
C GLY B 204 20.70 30.48 -0.54
N LYS B 205 21.29 30.07 -1.66
CA LYS B 205 20.57 30.04 -2.92
C LYS B 205 19.48 29.00 -2.88
N VAL B 206 19.70 27.85 -2.24
CA VAL B 206 18.61 26.89 -2.12
C VAL B 206 17.51 27.44 -1.23
N LEU B 207 17.92 28.05 -0.11
CA LEU B 207 16.94 28.54 0.84
C LEU B 207 16.05 29.61 0.22
N ALA B 208 16.61 30.35 -0.71
CA ALA B 208 15.87 31.39 -1.44
C ALA B 208 14.65 30.81 -2.16
N LEU B 209 14.75 29.53 -2.55
CA LEU B 209 13.74 28.78 -3.29
C LEU B 209 12.63 28.12 -2.44
N LEU B 210 12.74 28.21 -1.11
CA LEU B 210 11.76 27.64 -0.16
C LEU B 210 10.75 28.67 0.30
N PRO B 211 9.56 28.72 -0.33
CA PRO B 211 8.62 29.77 0.10
C PRO B 211 7.96 29.52 1.47
N PRO C 2 -42.41 -25.09 -7.64
CA PRO C 2 -41.01 -24.85 -7.29
C PRO C 2 -40.42 -23.51 -7.75
N LEU C 3 -39.47 -23.06 -6.95
CA LEU C 3 -38.67 -21.92 -7.30
C LEU C 3 -37.85 -22.22 -8.55
N LYS C 4 -37.84 -21.27 -9.47
CA LYS C 4 -37.06 -21.37 -10.69
C LYS C 4 -35.82 -20.48 -10.60
N LEU C 5 -34.66 -21.09 -10.65
CA LEU C 5 -33.38 -20.42 -10.60
C LEU C 5 -32.81 -20.33 -11.99
N HIS C 6 -32.75 -19.11 -12.54
CA HIS C 6 -32.25 -18.90 -13.88
C HIS C 6 -30.76 -18.54 -13.82
N GLY C 7 -29.91 -19.47 -14.21
CA GLY C 7 -28.48 -19.22 -14.12
C GLY C 7 -27.66 -20.38 -14.63
N SER C 8 -26.38 -20.44 -14.20
CA SER C 8 -25.46 -21.52 -14.59
C SER C 8 -24.74 -22.11 -13.37
N VAL C 9 -24.62 -23.45 -13.29
CA VAL C 9 -23.92 -24.04 -12.16
C VAL C 9 -22.45 -23.61 -12.16
N LEU C 10 -21.95 -23.14 -13.30
CA LEU C 10 -20.55 -22.68 -13.41
C LEU C 10 -20.36 -21.23 -12.95
N SER C 11 -21.46 -20.54 -12.67
CA SER C 11 -21.45 -19.16 -12.21
C SER C 11 -21.33 -19.09 -10.70
N THR C 12 -20.32 -18.38 -10.21
CA THR C 12 -20.13 -18.22 -8.78
C THR C 12 -21.37 -17.56 -8.15
N ASN C 13 -21.91 -16.54 -8.81
CA ASN C 13 -23.08 -15.89 -8.21
C ASN C 13 -24.32 -16.80 -8.19
N THR C 14 -24.46 -17.68 -9.19
CA THR C 14 -25.50 -18.68 -9.13
C THR C 14 -25.27 -19.68 -8.00
N GLN C 15 -24.03 -20.10 -7.84
CA GLN C 15 -23.67 -21.04 -6.77
C GLN C 15 -24.00 -20.51 -5.38
N ARG C 16 -23.92 -19.17 -5.21
CA ARG C 16 -24.26 -18.58 -3.92
C ARG C 16 -25.72 -18.92 -3.55
N VAL C 17 -26.61 -18.77 -4.54
CA VAL C 17 -28.01 -19.06 -4.30
C VAL C 17 -28.27 -20.56 -4.16
N LEU C 18 -27.63 -21.35 -5.01
CA LEU C 18 -27.74 -22.81 -4.87
C LEU C 18 -27.42 -23.24 -3.45
N ALA C 19 -26.35 -22.68 -2.86
CA ALA C 19 -25.99 -23.05 -1.49
C ALA C 19 -27.14 -22.79 -0.51
N THR C 20 -27.75 -21.60 -0.58
CA THR C 20 -28.84 -21.28 0.30
C THR C 20 -30.05 -22.19 0.09
N LEU C 21 -30.36 -22.47 -1.17
CA LEU C 21 -31.46 -23.39 -1.51
C LEU C 21 -31.24 -24.75 -0.89
N TYR C 22 -30.03 -25.27 -0.96
CA TYR C 22 -29.77 -26.57 -0.35
C TYR C 22 -29.79 -26.51 1.16
N GLU C 23 -29.20 -25.47 1.77
CA GLU C 23 -29.28 -25.32 3.23
C GLU C 23 -30.74 -25.36 3.70
N LYS C 24 -31.60 -24.63 2.98
CA LYS C 24 -32.97 -24.46 3.40
C LYS C 24 -33.90 -25.57 2.89
N GLU C 25 -33.35 -26.57 2.21
CA GLU C 25 -34.10 -27.71 1.63
C GLU C 25 -35.32 -27.26 0.83
N VAL C 26 -35.14 -26.18 0.08
CA VAL C 26 -36.19 -25.68 -0.81
C VAL C 26 -36.11 -26.32 -2.17
N GLU C 27 -37.25 -26.83 -2.63
CA GLU C 27 -37.33 -27.45 -3.93
C GLU C 27 -37.21 -26.40 -4.98
N PHE C 28 -36.42 -26.68 -6.00
CA PHE C 28 -36.18 -25.73 -7.06
C PHE C 28 -35.78 -26.44 -8.34
N GLU C 29 -35.91 -25.70 -9.42
CA GLU C 29 -35.43 -26.10 -10.72
C GLU C 29 -34.45 -25.07 -11.24
N LEU C 30 -33.31 -25.55 -11.71
CA LEU C 30 -32.35 -24.71 -12.40
C LEU C 30 -32.74 -24.64 -13.86
N VAL C 31 -32.95 -23.42 -14.30
CA VAL C 31 -33.20 -23.11 -15.68
C VAL C 31 -31.87 -22.62 -16.25
N ASN C 32 -31.22 -23.43 -17.07
CA ASN C 32 -29.88 -23.07 -17.51
C ASN C 32 -29.91 -21.83 -18.39
N VAL C 33 -28.93 -20.97 -18.20
CA VAL C 33 -28.67 -19.84 -19.05
C VAL C 33 -27.25 -20.02 -19.55
N ASN C 34 -27.11 -20.13 -20.87
CA ASN C 34 -25.82 -20.34 -21.48
C ASN C 34 -25.07 -19.02 -21.79
N LEU C 35 -24.13 -18.68 -20.92
CA LEU C 35 -23.42 -17.43 -21.00
C LEU C 35 -22.54 -17.37 -22.27
N GLY C 36 -21.92 -18.50 -22.60
CA GLY C 36 -21.09 -18.60 -23.80
C GLY C 36 -21.85 -18.21 -25.03
N ALA C 37 -23.15 -18.49 -25.05
CA ALA C 37 -24.02 -18.16 -26.15
C ALA C 37 -24.74 -16.83 -26.01
N GLY C 38 -24.39 -16.11 -24.95
CA GLY C 38 -24.87 -14.76 -24.71
C GLY C 38 -26.32 -14.72 -24.27
N GLU C 39 -26.83 -15.84 -23.78
CA GLU C 39 -28.24 -15.87 -23.40
C GLU C 39 -28.63 -14.96 -22.24
N HIS C 40 -27.67 -14.67 -21.38
CA HIS C 40 -27.88 -13.68 -20.26
C HIS C 40 -28.10 -12.25 -20.74
N LYS C 41 -27.82 -11.98 -22.02
CA LYS C 41 -28.08 -10.67 -22.64
C LYS C 41 -29.30 -10.67 -23.56
N GLN C 42 -29.99 -11.81 -23.70
CA GLN C 42 -31.17 -11.92 -24.53
C GLN C 42 -32.45 -11.94 -23.71
N GLU C 43 -33.57 -11.71 -24.39
CA GLU C 43 -34.87 -12.01 -23.84
C GLU C 43 -35.05 -13.53 -23.83
N PRO C 44 -35.68 -14.07 -22.78
CA PRO C 44 -36.36 -13.44 -21.67
C PRO C 44 -35.44 -13.12 -20.49
N HIS C 45 -34.19 -13.57 -20.51
CA HIS C 45 -33.38 -13.40 -19.31
C HIS C 45 -33.24 -11.94 -18.90
N ILE C 46 -33.03 -11.04 -19.85
CA ILE C 46 -32.91 -9.60 -19.49
C ILE C 46 -34.20 -8.97 -18.90
N SER C 47 -35.35 -9.64 -19.02
CA SER C 47 -36.56 -9.28 -18.28
C SER C 47 -36.57 -9.75 -16.82
N LEU C 48 -35.70 -10.70 -16.50
CA LEU C 48 -35.56 -11.23 -15.15
C LEU C 48 -34.41 -10.53 -14.41
N ASN C 49 -33.28 -10.35 -15.08
CA ASN C 49 -32.20 -9.52 -14.55
C ASN C 49 -31.87 -8.48 -15.61
N PRO C 50 -32.30 -7.24 -15.38
CA PRO C 50 -32.12 -6.22 -16.44
C PRO C 50 -30.67 -5.78 -16.63
N PHE C 51 -29.77 -6.17 -15.72
CA PHE C 51 -28.35 -5.91 -15.90
C PHE C 51 -27.68 -7.02 -16.72
N GLY C 52 -28.46 -7.99 -17.19
CA GLY C 52 -27.90 -8.98 -18.09
C GLY C 52 -26.85 -9.84 -17.45
N GLN C 53 -27.18 -10.27 -16.23
CA GLN C 53 -26.31 -11.11 -15.42
C GLN C 53 -27.12 -12.27 -14.84
N VAL C 54 -26.43 -13.33 -14.45
CA VAL C 54 -27.07 -14.43 -13.71
C VAL C 54 -26.63 -14.42 -12.25
N PRO C 55 -27.48 -14.90 -11.34
CA PRO C 55 -28.78 -15.52 -11.47
C PRO C 55 -29.94 -14.56 -11.42
N ALA C 56 -31.09 -15.05 -11.85
CA ALA C 56 -32.35 -14.47 -11.48
C ALA C 56 -33.18 -15.60 -10.94
N ALA C 57 -34.25 -15.24 -10.26
CA ALA C 57 -35.14 -16.27 -9.69
C ALA C 57 -36.58 -15.87 -9.81
N VAL C 58 -37.41 -16.88 -9.97
CA VAL C 58 -38.86 -16.64 -10.00
C VAL C 58 -39.46 -17.61 -9.00
N ASP C 59 -40.17 -17.05 -8.02
CA ASP C 59 -40.84 -17.84 -7.00
C ASP C 59 -42.31 -17.45 -7.02
N GLY C 60 -43.12 -18.25 -7.71
CA GLY C 60 -44.50 -17.91 -8.03
C GLY C 60 -44.58 -16.56 -8.73
N ASP C 61 -45.22 -15.58 -8.11
CA ASP C 61 -45.39 -14.26 -8.73
C ASP C 61 -44.26 -13.28 -8.44
N LEU C 62 -43.29 -13.71 -7.65
CA LEU C 62 -42.16 -12.86 -7.32
C LEU C 62 -40.98 -13.12 -8.25
N LYS C 63 -40.49 -12.07 -8.90
CA LYS C 63 -39.25 -12.20 -9.67
C LYS C 63 -38.14 -11.34 -9.00
N LEU C 64 -37.00 -11.96 -8.86
CA LEU C 64 -35.84 -11.44 -8.14
C LEU C 64 -34.54 -11.57 -8.93
N PHE C 65 -33.60 -10.67 -8.68
CA PHE C 65 -32.23 -10.83 -9.15
C PHE C 65 -31.29 -10.23 -8.06
N GLU C 66 -29.97 -10.30 -8.31
CA GLU C 66 -28.87 -10.18 -7.35
C GLU C 66 -28.80 -11.38 -6.40
N SER C 67 -27.71 -12.11 -6.48
CA SER C 67 -27.60 -13.35 -5.76
C SER C 67 -27.84 -13.22 -4.23
N ARG C 68 -27.35 -12.15 -3.62
CA ARG C 68 -27.49 -12.03 -2.18
C ARG C 68 -28.92 -11.66 -1.78
N ALA C 69 -29.64 -10.98 -2.68
CA ALA C 69 -31.04 -10.69 -2.41
C ALA C 69 -31.86 -11.95 -2.51
N ILE C 70 -31.59 -12.77 -3.52
CA ILE C 70 -32.33 -14.02 -3.67
C ILE C 70 -32.03 -14.92 -2.47
N SER C 71 -30.75 -15.00 -2.15
CA SER C 71 -30.33 -15.77 -0.99
C SER C 71 -31.01 -15.34 0.30
N GLN C 72 -30.99 -14.05 0.61
N GLN C 72 -30.97 -14.05 0.62
CA GLN C 72 -31.61 -13.58 1.85
CA GLN C 72 -31.63 -13.54 1.81
C GLN C 72 -33.13 -13.83 1.80
C GLN C 72 -33.12 -13.85 1.80
N TYR C 73 -33.76 -13.65 0.63
CA TYR C 73 -35.17 -13.95 0.49
C TYR C 73 -35.48 -15.42 0.84
N VAL C 74 -34.71 -16.36 0.29
CA VAL C 74 -34.91 -17.76 0.55
C VAL C 74 -34.75 -18.03 2.04
N ALA C 75 -33.71 -17.46 2.65
CA ALA C 75 -33.47 -17.69 4.06
C ALA C 75 -34.59 -17.18 4.96
N HIS C 76 -35.19 -16.03 4.64
CA HIS C 76 -36.35 -15.52 5.39
C HIS C 76 -37.65 -16.24 5.10
N GLN C 77 -37.95 -16.39 3.81
CA GLN C 77 -39.25 -16.86 3.38
C GLN C 77 -39.46 -18.28 3.88
N TYR C 78 -38.40 -19.06 3.81
CA TYR C 78 -38.44 -20.49 4.20
C TYR C 78 -37.69 -20.76 5.52
N ALA C 79 -37.74 -19.79 6.44
CA ALA C 79 -36.94 -19.84 7.67
C ALA C 79 -37.10 -21.12 8.47
N SER C 80 -38.34 -21.63 8.57
CA SER C 80 -38.59 -22.82 9.42
C SER C 80 -37.98 -24.12 8.89
N LYS C 81 -37.62 -24.13 7.61
CA LYS C 81 -37.08 -25.31 6.92
C LYS C 81 -35.57 -25.40 6.98
N GLY C 82 -35.04 -26.62 7.04
CA GLY C 82 -33.61 -26.83 6.98
C GLY C 82 -32.76 -26.08 7.99
N THR C 83 -31.59 -25.65 7.54
CA THR C 83 -30.65 -24.97 8.43
C THR C 83 -31.18 -23.65 8.90
N GLN C 84 -31.00 -23.34 10.19
CA GLN C 84 -31.37 -22.02 10.71
C GLN C 84 -30.22 -21.07 10.39
N LEU C 85 -30.40 -20.19 9.39
CA LEU C 85 -29.32 -19.30 8.90
C LEU C 85 -29.31 -17.88 9.53
N GLY C 86 -30.27 -17.62 10.41
CA GLY C 86 -30.28 -16.38 11.14
C GLY C 86 -29.93 -16.65 12.58
N ALA C 87 -30.23 -15.69 13.45
CA ALA C 87 -29.81 -15.70 14.83
C ALA C 87 -30.92 -15.14 15.70
N ALA C 88 -30.87 -15.50 16.97
CA ALA C 88 -31.87 -15.06 17.93
C ALA C 88 -31.68 -13.60 18.33
N GLY C 89 -32.81 -12.96 18.64
CA GLY C 89 -32.80 -11.65 19.27
C GLY C 89 -32.17 -10.59 18.40
N ASN C 90 -31.15 -9.91 18.93
CA ASN C 90 -30.47 -8.86 18.19
C ASN C 90 -29.34 -9.37 17.31
N GLY C 91 -29.15 -10.69 17.29
CA GLY C 91 -28.06 -11.29 16.54
C GLY C 91 -28.15 -11.01 15.05
N TYR C 92 -29.37 -10.74 14.54
CA TYR C 92 -29.49 -10.38 13.14
C TYR C 92 -28.59 -9.20 12.74
N ALA C 93 -28.32 -8.27 13.67
CA ALA C 93 -27.59 -7.05 13.34
C ALA C 93 -26.17 -7.39 12.90
N THR C 94 -25.55 -8.33 13.62
CA THR C 94 -24.16 -8.70 13.34
C THR C 94 -24.07 -9.57 12.08
N ILE C 95 -25.15 -10.29 11.76
CA ILE C 95 -25.18 -11.00 10.47
C ILE C 95 -25.17 -9.96 9.33
N LEU C 96 -25.96 -8.90 9.46
CA LEU C 96 -26.00 -7.83 8.46
C LEU C 96 -24.58 -7.21 8.30
N VAL C 97 -23.90 -6.92 9.43
CA VAL C 97 -22.53 -6.38 9.37
C VAL C 97 -21.64 -7.24 8.47
N TRP C 98 -21.57 -8.55 8.74
CA TRP C 98 -20.63 -9.40 8.02
C TRP C 98 -21.14 -9.82 6.62
N GLN C 99 -22.44 -9.68 6.36
CA GLN C 99 -22.95 -9.74 5.00
C GLN C 99 -22.41 -8.58 4.20
N GLU C 100 -22.45 -7.40 4.81
CA GLU C 100 -21.97 -6.22 4.15
C GLU C 100 -20.43 -6.26 3.99
N VAL C 101 -19.72 -6.83 4.96
CA VAL C 101 -18.28 -7.01 4.80
C VAL C 101 -18.00 -7.92 3.62
N GLU C 102 -18.76 -9.02 3.50
CA GLU C 102 -18.57 -9.85 2.29
C GLU C 102 -18.76 -9.07 0.99
N SER C 103 -19.85 -8.33 0.93
CA SER C 103 -20.15 -7.57 -0.29
C SER C 103 -19.09 -6.50 -0.61
N HIS C 104 -18.63 -5.77 0.42
CA HIS C 104 -17.88 -4.54 0.17
C HIS C 104 -16.38 -4.64 0.43
N GLN C 105 -15.97 -5.57 1.29
CA GLN C 105 -14.55 -5.67 1.64
C GLN C 105 -13.94 -6.90 0.98
N PHE C 106 -14.64 -8.03 1.03
CA PHE C 106 -14.13 -9.27 0.47
C PHE C 106 -14.34 -9.45 -1.01
N ASP C 107 -15.58 -9.29 -1.44
CA ASP C 107 -15.94 -9.66 -2.79
C ASP C 107 -15.19 -8.90 -3.90
N PRO C 108 -14.91 -7.59 -3.74
CA PRO C 108 -14.22 -6.94 -4.87
C PRO C 108 -12.86 -7.59 -5.21
N SER C 109 -12.01 -7.78 -4.22
N SER C 109 -11.99 -7.81 -4.24
CA SER C 109 -10.73 -8.42 -4.47
CA SER C 109 -10.71 -8.41 -4.57
C SER C 109 -10.89 -9.88 -4.85
C SER C 109 -10.81 -9.93 -4.80
N ALA C 110 -11.73 -10.61 -4.12
CA ALA C 110 -11.85 -12.06 -4.36
C ALA C 110 -12.39 -12.33 -5.74
N SER C 111 -13.37 -11.51 -6.17
CA SER C 111 -13.97 -11.70 -7.51
C SER C 111 -12.93 -11.43 -8.58
N LYS C 112 -12.12 -10.43 -8.35
CA LYS C 112 -11.07 -10.10 -9.33
C LYS C 112 -10.06 -11.24 -9.44
N LEU C 113 -9.69 -11.83 -8.31
CA LEU C 113 -8.76 -12.94 -8.32
C LEU C 113 -9.34 -14.17 -9.02
N VAL C 114 -10.63 -14.43 -8.83
CA VAL C 114 -11.28 -15.53 -9.52
C VAL C 114 -11.41 -15.29 -11.04
N TRP C 115 -11.74 -14.06 -11.40
CA TRP C 115 -11.77 -13.69 -12.81
C TRP C 115 -10.40 -13.91 -13.47
N GLU C 116 -9.34 -13.40 -12.85
CA GLU C 116 -8.03 -13.46 -13.48
C GLU C 116 -7.50 -14.87 -13.60
N GLN C 117 -7.74 -15.69 -12.58
CA GLN C 117 -7.10 -16.98 -12.50
C GLN C 117 -7.98 -18.16 -12.87
N VAL C 118 -9.31 -18.02 -12.78
CA VAL C 118 -10.18 -19.16 -13.03
C VAL C 118 -10.94 -18.94 -14.35
N PHE C 119 -11.59 -17.80 -14.51
CA PHE C 119 -12.47 -17.64 -15.68
C PHE C 119 -11.70 -17.23 -16.94
N LYS C 120 -10.86 -16.19 -16.84
CA LYS C 120 -10.10 -15.68 -17.99
C LYS C 120 -9.53 -16.76 -18.90
N PRO C 121 -8.85 -17.77 -18.33
CA PRO C 121 -8.29 -18.84 -19.16
C PRO C 121 -9.31 -19.51 -20.08
N VAL C 122 -10.42 -19.95 -19.50
CA VAL C 122 -11.46 -20.63 -20.26
C VAL C 122 -11.84 -19.77 -21.43
N PHE C 123 -12.04 -18.47 -21.18
CA PHE C 123 -12.46 -17.54 -22.22
C PHE C 123 -11.31 -17.17 -23.15
N GLY C 124 -10.21 -17.91 -23.06
CA GLY C 124 -9.03 -17.62 -23.85
C GLY C 124 -8.53 -16.20 -23.62
N LEU C 125 -8.53 -15.78 -22.37
CA LEU C 125 -7.88 -14.54 -21.96
C LEU C 125 -6.73 -14.90 -21.00
N PRO C 126 -5.70 -14.06 -20.90
CA PRO C 126 -4.49 -14.37 -20.13
C PRO C 126 -4.42 -13.68 -18.75
N THR C 127 -3.88 -14.39 -17.77
CA THR C 127 -3.83 -13.92 -16.39
C THR C 127 -2.81 -12.80 -16.22
N ASP C 128 -3.30 -11.61 -15.89
CA ASP C 128 -2.45 -10.48 -15.50
C ASP C 128 -1.74 -10.76 -14.16
N ALA C 129 -0.49 -11.23 -14.21
CA ALA C 129 0.21 -11.68 -13.01
C ALA C 129 0.46 -10.55 -12.02
N ALA C 130 0.65 -9.35 -12.52
CA ALA C 130 0.93 -8.21 -11.67
C ALA C 130 -0.30 -7.82 -10.90
N LEU C 131 -1.44 -7.87 -11.60
CA LEU C 131 -2.71 -7.47 -11.04
C LEU C 131 -3.08 -8.52 -9.99
N VAL C 132 -2.80 -9.78 -10.26
CA VAL C 132 -3.09 -10.82 -9.28
C VAL C 132 -2.26 -10.57 -8.02
N ALA C 133 -0.99 -10.25 -8.19
CA ALA C 133 -0.13 -10.02 -7.06
C ALA C 133 -0.59 -8.83 -6.20
N GLU C 134 -0.97 -7.74 -6.86
CA GLU C 134 -1.43 -6.52 -6.17
C GLU C 134 -2.74 -6.82 -5.42
N THR C 135 -3.60 -7.57 -6.09
CA THR C 135 -4.91 -7.86 -5.53
C THR C 135 -4.83 -8.85 -4.35
N GLU C 136 -3.88 -9.78 -4.39
CA GLU C 136 -3.62 -10.65 -3.23
C GLU C 136 -3.13 -9.85 -1.99
N VAL C 137 -2.40 -8.75 -2.19
CA VAL C 137 -2.06 -7.90 -1.07
C VAL C 137 -3.35 -7.37 -0.42
N THR C 138 -4.26 -6.87 -1.26
CA THR C 138 -5.50 -6.30 -0.80
C THR C 138 -6.34 -7.34 -0.08
N LEU C 139 -6.50 -8.50 -0.69
CA LEU C 139 -7.31 -9.55 -0.08
C LEU C 139 -6.65 -10.07 1.21
N GLY C 140 -5.33 -10.16 1.21
CA GLY C 140 -4.63 -10.61 2.39
C GLY C 140 -4.89 -9.67 3.57
N LYS C 141 -4.92 -8.36 3.33
CA LYS C 141 -5.24 -7.43 4.44
C LYS C 141 -6.68 -7.61 4.96
N VAL C 142 -7.64 -7.87 4.04
CA VAL C 142 -8.99 -8.21 4.45
C VAL C 142 -8.97 -9.47 5.31
N LEU C 143 -8.26 -10.47 4.84
CA LEU C 143 -8.27 -11.70 5.57
C LEU C 143 -7.51 -11.63 6.92
N ASP C 144 -6.63 -10.65 7.07
CA ASP C 144 -6.03 -10.42 8.39
C ASP C 144 -7.10 -9.95 9.37
N VAL C 145 -8.04 -9.13 8.90
CA VAL C 145 -9.17 -8.76 9.72
C VAL C 145 -10.04 -9.98 10.03
N TYR C 146 -10.26 -10.85 9.04
CA TYR C 146 -11.03 -12.08 9.27
C TYR C 146 -10.34 -12.97 10.31
N GLU C 147 -9.02 -13.06 10.22
CA GLU C 147 -8.24 -13.91 11.11
C GLU C 147 -8.45 -13.48 12.59
N ALA C 148 -8.47 -12.18 12.81
CA ALA C 148 -8.72 -11.65 14.16
C ALA C 148 -10.15 -11.88 14.61
N ARG C 149 -11.10 -11.68 13.70
CA ARG C 149 -12.47 -11.96 14.03
C ARG C 149 -12.71 -13.41 14.36
N LEU C 150 -12.17 -14.30 13.54
CA LEU C 150 -12.42 -15.71 13.69
C LEU C 150 -11.60 -16.28 14.86
N SER C 151 -10.67 -15.50 15.40
CA SER C 151 -10.03 -15.83 16.66
C SER C 151 -10.96 -15.62 17.86
N GLN C 152 -11.97 -14.74 17.74
CA GLN C 152 -12.93 -14.49 18.81
C GLN C 152 -14.31 -15.11 18.63
N SER C 153 -14.64 -15.57 17.42
CA SER C 153 -15.97 -16.02 17.06
C SER C 153 -15.82 -17.20 16.14
N LYS C 154 -16.59 -18.26 16.36
CA LYS C 154 -16.36 -19.50 15.59
C LYS C 154 -16.62 -19.20 14.10
N TYR C 155 -17.69 -18.45 13.86
CA TYR C 155 -18.02 -18.01 12.51
C TYR C 155 -18.04 -16.50 12.49
N LEU C 156 -18.31 -15.90 11.33
CA LEU C 156 -18.12 -14.45 11.24
C LEU C 156 -19.08 -13.63 12.06
N ALA C 157 -20.36 -14.03 12.11
CA ALA C 157 -21.38 -13.21 12.77
C ALA C 157 -21.78 -13.68 14.17
N SER C 158 -21.35 -14.88 14.54
CA SER C 158 -21.80 -15.54 15.75
C SER C 158 -21.00 -16.80 15.88
N ASP C 159 -21.31 -17.61 16.88
CA ASP C 159 -20.65 -18.92 17.01
C ASP C 159 -21.34 -20.02 16.15
N SER C 160 -22.32 -19.63 15.33
CA SER C 160 -22.94 -20.55 14.37
C SER C 160 -22.85 -20.02 12.94
N PHE C 161 -22.95 -20.96 11.98
CA PHE C 161 -23.01 -20.66 10.56
C PHE C 161 -24.24 -19.81 10.20
N THR C 162 -24.01 -18.71 9.48
CA THR C 162 -25.10 -17.85 9.05
C THR C 162 -24.88 -17.54 7.58
N LEU C 163 -25.76 -16.71 7.02
CA LEU C 163 -25.64 -16.27 5.66
C LEU C 163 -24.38 -15.46 5.41
N ALA C 164 -23.87 -14.74 6.43
CA ALA C 164 -22.61 -14.03 6.29
C ALA C 164 -21.50 -14.98 5.89
N ASP C 165 -21.44 -16.15 6.50
CA ASP C 165 -20.46 -17.12 6.09
C ASP C 165 -20.78 -17.66 4.71
N LEU C 166 -22.01 -18.08 4.54
CA LEU C 166 -22.41 -18.77 3.31
C LEU C 166 -22.07 -18.00 2.04
N HIS C 167 -22.26 -16.68 2.09
CA HIS C 167 -22.05 -15.89 0.90
C HIS C 167 -20.63 -15.86 0.38
N HIS C 168 -19.67 -16.24 1.22
CA HIS C 168 -18.26 -16.36 0.83
C HIS C 168 -17.96 -17.64 0.03
N LEU C 169 -18.81 -18.66 0.11
CA LEU C 169 -18.43 -19.97 -0.41
C LEU C 169 -17.98 -19.98 -1.86
N PRO C 170 -18.70 -19.33 -2.81
CA PRO C 170 -18.33 -19.59 -4.23
C PRO C 170 -16.94 -19.06 -4.58
N ASN C 171 -16.60 -17.87 -4.11
CA ASN C 171 -15.29 -17.37 -4.45
C ASN C 171 -14.18 -18.04 -3.64
N ILE C 172 -14.45 -18.37 -2.39
CA ILE C 172 -13.43 -19.07 -1.64
C ILE C 172 -13.16 -20.40 -2.32
N GLN C 173 -14.21 -21.15 -2.64
CA GLN C 173 -13.99 -22.46 -3.28
C GLN C 173 -13.20 -22.29 -4.55
N ALA C 174 -13.56 -21.30 -5.37
CA ALA C 174 -12.87 -21.03 -6.60
C ALA C 174 -11.40 -20.75 -6.35
N LEU C 175 -11.10 -19.97 -5.32
CA LEU C 175 -9.71 -19.61 -5.08
C LEU C 175 -8.89 -20.76 -4.55
N LEU C 176 -9.50 -21.75 -3.91
CA LEU C 176 -8.77 -22.89 -3.40
C LEU C 176 -8.13 -23.64 -4.57
N GLY C 177 -8.67 -23.44 -5.76
CA GLY C 177 -8.14 -24.05 -6.96
C GLY C 177 -7.01 -23.29 -7.65
N THR C 178 -6.51 -22.25 -6.99
CA THR C 178 -5.53 -21.31 -7.57
C THR C 178 -4.43 -21.10 -6.54
N PRO C 179 -3.31 -20.51 -6.97
CA PRO C 179 -2.23 -20.18 -6.02
C PRO C 179 -2.67 -19.18 -4.95
N SER C 180 -3.84 -18.55 -5.10
CA SER C 180 -4.36 -17.70 -4.02
C SER C 180 -4.81 -18.53 -2.82
N LYS C 181 -4.81 -19.86 -2.95
CA LYS C 181 -5.15 -20.73 -1.82
C LYS C 181 -4.27 -20.40 -0.61
N LYS C 182 -3.06 -19.96 -0.88
CA LYS C 182 -2.08 -19.69 0.19
C LYS C 182 -2.59 -18.58 1.13
N LEU C 183 -3.41 -17.67 0.61
CA LEU C 183 -3.91 -16.58 1.44
C LEU C 183 -4.79 -17.16 2.56
N PHE C 184 -5.52 -18.24 2.25
CA PHE C 184 -6.36 -18.91 3.24
C PHE C 184 -5.54 -19.85 4.12
N ASP C 185 -4.63 -20.58 3.48
CA ASP C 185 -3.88 -21.64 4.18
C ASP C 185 -2.95 -21.07 5.28
N SER C 186 -2.43 -19.86 5.04
CA SER C 186 -1.42 -19.25 5.94
C SER C 186 -2.01 -18.60 7.21
N ARG C 187 -3.35 -18.52 7.29
CA ARG C 187 -4.03 -17.80 8.33
C ARG C 187 -4.84 -18.89 9.05
N PRO C 188 -4.37 -19.39 10.22
CA PRO C 188 -4.99 -20.60 10.78
C PRO C 188 -6.46 -20.57 11.08
N HIS C 189 -7.00 -19.47 11.61
CA HIS C 189 -8.44 -19.48 11.95
C HIS C 189 -9.24 -19.34 10.63
N VAL C 190 -8.73 -18.55 9.69
CA VAL C 190 -9.38 -18.44 8.37
C VAL C 190 -9.42 -19.84 7.73
N SER C 191 -8.27 -20.51 7.76
CA SER C 191 -8.14 -21.84 7.13
C SER C 191 -9.16 -22.81 7.74
N ALA C 192 -9.24 -22.83 9.08
CA ALA C 192 -10.17 -23.72 9.75
C ALA C 192 -11.62 -23.39 9.45
N TRP C 193 -11.92 -22.10 9.40
CA TRP C 193 -13.25 -21.69 9.00
C TRP C 193 -13.59 -22.06 7.54
N VAL C 194 -12.65 -21.88 6.63
CA VAL C 194 -12.85 -22.26 5.23
C VAL C 194 -13.17 -23.77 5.18
N ALA C 195 -12.38 -24.55 5.90
CA ALA C 195 -12.59 -25.97 5.93
C ALA C 195 -13.99 -26.30 6.47
N SER C 196 -14.42 -25.56 7.51
N SER C 196 -14.41 -25.61 7.51
CA SER C 196 -15.70 -25.85 8.17
CA SER C 196 -15.69 -25.91 8.08
C SER C 196 -16.93 -25.40 7.37
C SER C 196 -16.80 -25.63 7.07
N ILE C 197 -16.77 -24.44 6.47
CA ILE C 197 -17.92 -24.04 5.66
C ILE C 197 -17.92 -24.81 4.33
N THR C 198 -16.76 -25.05 3.71
CA THR C 198 -16.76 -25.81 2.48
C THR C 198 -17.08 -27.30 2.72
N GLY C 199 -16.93 -27.80 3.93
CA GLY C 199 -17.28 -29.18 4.22
C GLY C 199 -18.75 -29.46 4.50
N ARG C 200 -19.60 -28.42 4.49
CA ARG C 200 -21.00 -28.62 4.83
C ARG C 200 -21.71 -29.39 3.70
N PRO C 201 -22.66 -30.27 4.05
CA PRO C 201 -23.44 -31.06 3.08
C PRO C 201 -24.07 -30.19 2.01
N ALA C 202 -24.62 -29.03 2.38
CA ALA C 202 -25.28 -28.19 1.38
C ALA C 202 -24.31 -27.72 0.31
N TRP C 203 -23.10 -27.33 0.73
CA TRP C 203 -22.09 -26.95 -0.27
C TRP C 203 -21.62 -28.13 -1.10
N GLY C 204 -21.53 -29.31 -0.48
CA GLY C 204 -21.26 -30.52 -1.24
C GLY C 204 -22.27 -30.75 -2.36
N LYS C 205 -23.53 -30.40 -2.08
CA LYS C 205 -24.56 -30.58 -3.12
C LYS C 205 -24.36 -29.63 -4.31
N VAL C 206 -23.86 -28.42 -4.05
CA VAL C 206 -23.56 -27.51 -5.10
C VAL C 206 -22.40 -28.06 -5.92
N LEU C 207 -21.36 -28.52 -5.23
CA LEU C 207 -20.18 -29.00 -5.91
C LEU C 207 -20.52 -30.24 -6.79
N ALA C 208 -21.46 -31.04 -6.27
CA ALA C 208 -21.90 -32.31 -6.88
C ALA C 208 -22.48 -32.05 -8.25
N LEU C 209 -22.99 -30.82 -8.48
CA LEU C 209 -23.57 -30.42 -9.76
C LEU C 209 -22.53 -30.05 -10.83
N LEU C 210 -21.32 -29.81 -10.39
CA LEU C 210 -20.31 -29.34 -11.31
C LEU C 210 -19.80 -30.47 -12.19
N PRO C 211 -19.43 -30.13 -13.44
CA PRO C 211 -18.83 -31.12 -14.34
C PRO C 211 -17.47 -31.57 -13.85
N LYS C 212 -17.10 -32.80 -14.15
CA LYS C 212 -15.89 -33.39 -13.60
C LYS C 212 -14.69 -32.77 -14.30
N PRO D 2 -28.54 7.09 24.22
CA PRO D 2 -28.78 7.12 22.76
C PRO D 2 -27.73 6.38 21.94
N LEU D 3 -28.11 6.04 20.71
CA LEU D 3 -27.18 5.45 19.77
C LEU D 3 -26.01 6.39 19.52
N LYS D 4 -24.81 5.83 19.50
CA LYS D 4 -23.59 6.60 19.22
C LYS D 4 -23.07 6.28 17.82
N LEU D 5 -23.08 7.27 16.95
CA LEU D 5 -22.60 7.15 15.58
C LEU D 5 -21.20 7.73 15.42
N HIS D 6 -20.24 6.87 15.15
CA HIS D 6 -18.86 7.27 15.02
C HIS D 6 -18.52 7.49 13.55
N GLY D 7 -18.42 8.76 13.17
CA GLY D 7 -18.07 9.12 11.79
C GLY D 7 -17.88 10.59 11.57
N SER D 8 -18.05 11.01 10.31
CA SER D 8 -17.89 12.38 9.91
C SER D 8 -19.08 12.83 9.07
N VAL D 9 -19.60 14.02 9.34
CA VAL D 9 -20.69 14.49 8.51
C VAL D 9 -20.29 14.68 7.05
N LEU D 10 -19.01 14.80 6.77
CA LEU D 10 -18.51 14.99 5.41
C LEU D 10 -18.35 13.66 4.68
N SER D 11 -18.55 12.57 5.42
CA SER D 11 -18.38 11.23 4.85
C SER D 11 -19.69 10.77 4.25
N THR D 12 -19.63 10.40 2.99
CA THR D 12 -20.83 9.86 2.31
C THR D 12 -21.39 8.60 3.00
N ASN D 13 -20.51 7.67 3.38
CA ASN D 13 -21.03 6.52 4.08
C ASN D 13 -21.63 6.83 5.44
N THR D 14 -21.09 7.84 6.17
CA THR D 14 -21.73 8.26 7.40
C THR D 14 -23.11 8.89 7.14
N GLN D 15 -23.16 9.70 6.09
CA GLN D 15 -24.39 10.36 5.72
C GLN D 15 -25.52 9.37 5.42
N ARG D 16 -25.16 8.21 4.84
CA ARG D 16 -26.15 7.16 4.59
C ARG D 16 -26.88 6.78 5.87
N VAL D 17 -26.11 6.60 6.95
CA VAL D 17 -26.71 6.25 8.25
C VAL D 17 -27.46 7.44 8.85
N LEU D 18 -26.90 8.65 8.77
CA LEU D 18 -27.57 9.85 9.26
C LEU D 18 -28.97 9.97 8.66
N ALA D 19 -29.07 9.70 7.35
CA ALA D 19 -30.39 9.75 6.71
C ALA D 19 -31.38 8.79 7.34
N THR D 20 -30.97 7.54 7.57
CA THR D 20 -31.87 6.59 8.17
C THR D 20 -32.25 6.99 9.61
N LEU D 21 -31.27 7.45 10.37
CA LEU D 21 -31.54 7.93 11.72
C LEU D 21 -32.59 9.05 11.74
N TYR D 22 -32.49 9.99 10.81
CA TYR D 22 -33.45 11.12 10.77
C TYR D 22 -34.82 10.61 10.31
N GLU D 23 -34.84 9.72 9.32
CA GLU D 23 -36.13 9.18 8.85
C GLU D 23 -36.87 8.49 9.97
N LYS D 24 -36.13 7.70 10.76
CA LYS D 24 -36.70 6.88 11.80
C LYS D 24 -36.87 7.65 13.10
N GLU D 25 -36.41 8.91 13.14
CA GLU D 25 -36.58 9.76 14.31
C GLU D 25 -35.93 9.18 15.56
N VAL D 26 -34.77 8.54 15.38
CA VAL D 26 -34.06 7.91 16.44
C VAL D 26 -33.08 8.89 17.10
N GLU D 27 -33.07 8.93 18.43
CA GLU D 27 -32.15 9.78 19.18
C GLU D 27 -30.74 9.25 19.03
N PHE D 28 -29.80 10.12 18.71
CA PHE D 28 -28.44 9.65 18.57
C PHE D 28 -27.48 10.77 18.83
N GLU D 29 -26.24 10.40 19.08
N GLU D 29 -26.24 10.43 19.09
CA GLU D 29 -25.15 11.36 19.15
CA GLU D 29 -25.18 11.42 19.12
C GLU D 29 -24.09 11.01 18.12
C GLU D 29 -24.08 11.03 18.15
N LEU D 30 -23.58 12.03 17.45
CA LEU D 30 -22.45 11.86 16.55
C LEU D 30 -21.16 12.03 17.32
N VAL D 31 -20.32 11.01 17.26
CA VAL D 31 -18.96 11.13 17.71
C VAL D 31 -18.03 11.38 16.51
N ASN D 32 -17.47 12.60 16.38
CA ASN D 32 -16.64 12.91 15.20
C ASN D 32 -15.38 12.11 15.16
N VAL D 33 -15.09 11.64 13.97
CA VAL D 33 -13.86 10.93 13.66
C VAL D 33 -13.21 11.77 12.59
N ASN D 34 -12.02 12.28 12.91
CA ASN D 34 -11.29 13.18 12.01
C ASN D 34 -10.46 12.41 11.02
N LEU D 35 -10.97 12.32 9.81
CA LEU D 35 -10.39 11.51 8.77
C LEU D 35 -9.10 12.13 8.24
N GLY D 36 -9.08 13.46 8.11
CA GLY D 36 -7.90 14.15 7.67
C GLY D 36 -6.73 13.88 8.59
N ALA D 37 -7.02 13.70 9.88
CA ALA D 37 -5.97 13.42 10.85
C ALA D 37 -5.69 11.92 11.03
N GLY D 38 -6.32 11.08 10.20
CA GLY D 38 -6.15 9.63 10.27
C GLY D 38 -6.73 8.92 11.48
N GLU D 39 -7.70 9.52 12.17
CA GLU D 39 -8.25 8.94 13.40
C GLU D 39 -8.99 7.64 13.12
N HIS D 40 -9.52 7.53 11.90
CA HIS D 40 -10.21 6.30 11.53
C HIS D 40 -9.29 5.09 11.42
N LYS D 41 -7.96 5.32 11.32
CA LYS D 41 -6.99 4.21 11.33
C LYS D 41 -6.36 3.93 12.71
N GLN D 42 -6.81 4.64 13.72
CA GLN D 42 -6.27 4.51 15.07
C GLN D 42 -7.28 3.91 15.98
N GLU D 43 -6.80 3.47 17.15
CA GLU D 43 -7.65 3.09 18.26
C GLU D 43 -8.25 4.34 18.92
N PRO D 44 -9.50 4.26 19.43
CA PRO D 44 -10.39 3.11 19.47
C PRO D 44 -11.19 2.88 18.16
N HIS D 45 -11.04 3.70 17.14
CA HIS D 45 -11.99 3.59 16.03
C HIS D 45 -11.86 2.21 15.36
N ILE D 46 -10.61 1.75 15.25
CA ILE D 46 -10.38 0.44 14.58
C ILE D 46 -10.84 -0.74 15.43
N SER D 47 -11.22 -0.53 16.69
CA SER D 47 -11.91 -1.55 17.46
C SER D 47 -13.41 -1.55 17.23
N LEU D 48 -13.90 -0.49 16.60
CA LEU D 48 -15.28 -0.44 16.19
C LEU D 48 -15.50 -0.81 14.70
N ASN D 49 -14.65 -0.31 13.83
CA ASN D 49 -14.62 -0.78 12.44
C ASN D 49 -13.20 -1.27 12.14
N PRO D 50 -12.97 -2.59 12.15
CA PRO D 50 -11.62 -3.09 11.97
C PRO D 50 -11.01 -2.87 10.61
N PHE D 51 -11.80 -2.42 9.62
CA PHE D 51 -11.27 -2.04 8.34
C PHE D 51 -10.83 -0.58 8.25
N GLY D 52 -10.92 0.13 9.37
CA GLY D 52 -10.41 1.48 9.42
C GLY D 52 -11.19 2.42 8.57
N GLN D 53 -12.52 2.29 8.62
CA GLN D 53 -13.41 3.16 7.89
C GLN D 53 -14.56 3.68 8.77
N VAL D 54 -15.17 4.78 8.31
CA VAL D 54 -16.35 5.29 8.96
C VAL D 54 -17.60 5.05 8.11
N PRO D 55 -18.76 4.83 8.71
CA PRO D 55 -19.10 4.91 10.14
C PRO D 55 -19.04 3.61 10.88
N ALA D 56 -19.01 3.72 12.22
CA ALA D 56 -19.31 2.61 13.08
C ALA D 56 -20.39 3.14 14.04
N ALA D 57 -21.05 2.23 14.74
CA ALA D 57 -22.07 2.62 15.69
C ALA D 57 -22.07 1.71 16.89
N VAL D 58 -22.42 2.31 18.03
CA VAL D 58 -22.68 1.54 19.25
C VAL D 58 -24.05 1.88 19.77
N ASP D 59 -24.86 0.86 20.00
CA ASP D 59 -26.19 1.04 20.52
C ASP D 59 -26.37 0.01 21.59
N GLY D 60 -26.37 0.46 22.83
CA GLY D 60 -26.34 -0.48 23.93
C GLY D 60 -25.09 -1.33 23.94
N ASP D 61 -25.25 -2.65 23.95
CA ASP D 61 -24.11 -3.56 24.00
C ASP D 61 -23.73 -4.00 22.59
N LEU D 62 -24.40 -3.41 21.59
CA LEU D 62 -24.17 -3.75 20.21
C LEU D 62 -23.19 -2.79 19.55
N LYS D 63 -22.13 -3.32 18.96
CA LYS D 63 -21.25 -2.51 18.11
C LYS D 63 -21.30 -3.03 16.68
N LEU D 64 -21.41 -2.09 15.76
CA LEU D 64 -21.74 -2.34 14.36
C LEU D 64 -20.88 -1.50 13.46
N PHE D 65 -20.64 -1.99 12.23
CA PHE D 65 -19.99 -1.19 11.20
C PHE D 65 -20.57 -1.64 9.85
N GLU D 66 -20.12 -0.96 8.79
CA GLU D 66 -20.69 -0.99 7.42
C GLU D 66 -21.98 -0.20 7.42
N SER D 67 -22.00 0.89 6.66
CA SER D 67 -23.14 1.81 6.64
C SER D 67 -24.47 1.17 6.34
N ARG D 68 -24.52 0.24 5.38
CA ARG D 68 -25.81 -0.36 5.06
C ARG D 68 -26.30 -1.35 6.11
N ALA D 69 -25.37 -1.98 6.83
CA ALA D 69 -25.78 -2.82 7.96
C ALA D 69 -26.30 -1.97 9.10
N ILE D 70 -25.62 -0.88 9.44
CA ILE D 70 -26.14 0.03 10.47
C ILE D 70 -27.48 0.60 10.07
N SER D 71 -27.59 1.03 8.82
CA SER D 71 -28.85 1.55 8.30
C SER D 71 -29.99 0.55 8.47
N GLN D 72 -29.76 -0.69 8.00
CA GLN D 72 -30.80 -1.69 8.07
C GLN D 72 -31.14 -1.99 9.52
N TYR D 73 -30.12 -2.04 10.37
CA TYR D 73 -30.33 -2.25 11.78
C TYR D 73 -31.27 -1.20 12.36
N VAL D 74 -30.99 0.07 12.09
CA VAL D 74 -31.84 1.15 12.59
C VAL D 74 -33.28 1.01 12.10
N ALA D 75 -33.42 0.70 10.83
CA ALA D 75 -34.76 0.57 10.27
C ALA D 75 -35.60 -0.56 10.90
N HIS D 76 -34.96 -1.69 11.24
CA HIS D 76 -35.63 -2.83 11.88
C HIS D 76 -35.82 -2.61 13.38
N GLN D 77 -34.76 -2.21 14.05
CA GLN D 77 -34.75 -2.12 15.52
C GLN D 77 -35.72 -1.07 16.03
N TYR D 78 -35.92 -0.03 15.24
CA TYR D 78 -36.78 1.10 15.59
C TYR D 78 -37.95 1.25 14.58
N ALA D 79 -38.41 0.11 14.05
CA ALA D 79 -39.34 0.10 12.90
C ALA D 79 -40.61 0.89 13.18
N SER D 80 -41.11 0.85 14.42
CA SER D 80 -42.37 1.51 14.75
C SER D 80 -42.30 3.05 14.72
N LYS D 81 -41.09 3.62 14.77
CA LYS D 81 -40.90 5.07 14.77
C LYS D 81 -40.74 5.66 13.37
N GLY D 82 -41.16 6.90 13.21
CA GLY D 82 -40.86 7.70 12.03
C GLY D 82 -41.39 7.10 10.75
N THR D 83 -40.64 7.32 9.68
CA THR D 83 -40.97 6.80 8.36
C THR D 83 -40.98 5.29 8.27
N GLN D 84 -42.01 4.75 7.63
N GLN D 84 -42.00 4.74 7.63
CA GLN D 84 -42.06 3.32 7.33
CA GLN D 84 -42.03 3.30 7.42
C GLN D 84 -41.18 3.01 6.12
C GLN D 84 -41.21 2.97 6.16
N LEU D 85 -40.02 2.38 6.35
CA LEU D 85 -39.03 2.21 5.27
C LEU D 85 -39.16 0.82 4.65
N GLY D 86 -40.04 0.01 5.22
CA GLY D 86 -40.26 -1.34 4.78
C GLY D 86 -41.45 -1.43 3.86
N ALA D 87 -41.85 -2.66 3.62
CA ALA D 87 -42.94 -2.94 2.71
C ALA D 87 -43.83 -4.01 3.32
N ALA D 88 -45.06 -4.11 2.82
CA ALA D 88 -46.00 -5.11 3.30
C ALA D 88 -45.80 -6.42 2.54
N GLY D 89 -46.20 -7.51 3.17
CA GLY D 89 -46.16 -8.81 2.54
C GLY D 89 -44.75 -9.20 2.20
N ASN D 90 -44.57 -9.64 0.97
CA ASN D 90 -43.29 -10.15 0.56
C ASN D 90 -42.51 -9.02 -0.12
N GLY D 91 -43.01 -7.80 0.07
CA GLY D 91 -42.39 -6.62 -0.53
C GLY D 91 -40.95 -6.45 -0.03
N TYR D 92 -40.65 -7.01 1.14
CA TYR D 92 -39.28 -6.98 1.63
C TYR D 92 -38.31 -7.55 0.58
N ALA D 93 -38.75 -8.54 -0.19
CA ALA D 93 -37.83 -9.20 -1.10
C ALA D 93 -37.36 -8.25 -2.20
N THR D 94 -38.26 -7.44 -2.73
CA THR D 94 -37.87 -6.50 -3.78
C THR D 94 -37.03 -5.34 -3.23
N ILE D 95 -37.26 -4.95 -1.97
CA ILE D 95 -36.33 -4.00 -1.30
C ILE D 95 -34.92 -4.61 -1.28
N LEU D 96 -34.79 -5.90 -0.91
CA LEU D 96 -33.48 -6.53 -0.88
C LEU D 96 -32.82 -6.47 -2.28
N VAL D 97 -33.60 -6.81 -3.31
CA VAL D 97 -33.09 -6.74 -4.68
C VAL D 97 -32.44 -5.37 -4.95
N TRP D 98 -33.19 -4.30 -4.75
CA TRP D 98 -32.66 -3.00 -5.12
C TRP D 98 -31.65 -2.43 -4.12
N GLN D 99 -31.60 -2.95 -2.89
CA GLN D 99 -30.47 -2.68 -1.98
C GLN D 99 -29.22 -3.31 -2.57
N GLU D 100 -29.34 -4.55 -3.06
CA GLU D 100 -28.19 -5.17 -3.65
C GLU D 100 -27.79 -4.51 -4.98
N VAL D 101 -28.73 -4.01 -5.77
CA VAL D 101 -28.38 -3.27 -6.96
C VAL D 101 -27.60 -2.00 -6.56
N GLU D 102 -28.04 -1.30 -5.54
CA GLU D 102 -27.28 -0.17 -5.06
C GLU D 102 -25.87 -0.57 -4.67
N SER D 103 -25.71 -1.65 -3.91
CA SER D 103 -24.37 -2.02 -3.45
C SER D 103 -23.50 -2.49 -4.60
N HIS D 104 -24.05 -3.27 -5.54
CA HIS D 104 -23.23 -3.97 -6.51
C HIS D 104 -23.23 -3.36 -7.89
N GLN D 105 -24.28 -2.66 -8.25
CA GLN D 105 -24.33 -2.08 -9.60
C GLN D 105 -24.10 -0.58 -9.64
N PHE D 106 -24.72 0.13 -8.71
CA PHE D 106 -24.60 1.60 -8.63
C PHE D 106 -23.35 2.07 -7.91
N ASP D 107 -23.14 1.56 -6.70
CA ASP D 107 -22.10 2.14 -5.84
C ASP D 107 -20.66 2.10 -6.37
N PRO D 108 -20.25 0.99 -7.03
CA PRO D 108 -18.84 0.97 -7.45
C PRO D 108 -18.51 2.12 -8.41
N SER D 109 -19.36 2.35 -9.43
CA SER D 109 -19.15 3.48 -10.31
C SER D 109 -19.38 4.83 -9.65
N ALA D 110 -20.49 4.94 -8.92
CA ALA D 110 -20.86 6.23 -8.32
C ALA D 110 -19.78 6.68 -7.29
N SER D 111 -19.34 5.75 -6.44
N SER D 111 -19.31 5.73 -6.46
CA SER D 111 -18.31 6.08 -5.46
CA SER D 111 -18.31 6.08 -5.45
C SER D 111 -17.01 6.51 -6.14
C SER D 111 -16.98 6.46 -6.11
N LYS D 112 -16.63 5.84 -7.23
CA LYS D 112 -15.42 6.27 -7.94
C LYS D 112 -15.58 7.70 -8.48
N LEU D 113 -16.73 8.00 -9.08
CA LEU D 113 -16.98 9.36 -9.57
C LEU D 113 -16.93 10.43 -8.46
N VAL D 114 -17.43 10.11 -7.28
CA VAL D 114 -17.41 11.02 -6.14
C VAL D 114 -15.98 11.17 -5.62
N TRP D 115 -15.27 10.07 -5.53
CA TRP D 115 -13.87 10.11 -5.12
C TRP D 115 -13.10 11.03 -6.09
N GLU D 116 -13.27 10.81 -7.39
CA GLU D 116 -12.47 11.58 -8.34
C GLU D 116 -12.81 13.04 -8.41
N GLN D 117 -14.09 13.38 -8.30
CA GLN D 117 -14.54 14.71 -8.63
C GLN D 117 -14.84 15.56 -7.40
N VAL D 118 -15.08 14.91 -6.26
CA VAL D 118 -15.47 15.63 -5.04
C VAL D 118 -14.35 15.54 -3.97
N PHE D 119 -13.94 14.33 -3.61
CA PHE D 119 -13.00 14.18 -2.49
C PHE D 119 -11.58 14.49 -2.89
N LYS D 120 -11.15 14.05 -4.07
CA LYS D 120 -9.72 14.20 -4.42
C LYS D 120 -9.32 15.67 -4.43
N PRO D 121 -10.16 16.53 -5.03
CA PRO D 121 -9.82 17.95 -5.06
C PRO D 121 -9.67 18.59 -3.66
N VAL D 122 -10.49 18.19 -2.69
CA VAL D 122 -10.37 18.80 -1.37
C VAL D 122 -9.11 18.27 -0.67
N PHE D 123 -8.57 17.18 -1.19
CA PHE D 123 -7.30 16.67 -0.70
C PHE D 123 -6.14 17.14 -1.61
N GLY D 124 -6.42 18.04 -2.54
CA GLY D 124 -5.39 18.48 -3.48
C GLY D 124 -4.93 17.51 -4.57
N LEU D 125 -5.69 16.44 -4.84
CA LEU D 125 -5.33 15.50 -5.90
C LEU D 125 -6.15 15.79 -7.13
N PRO D 126 -5.57 15.58 -8.32
CA PRO D 126 -6.23 15.99 -9.55
C PRO D 126 -7.26 14.95 -10.00
N THR D 127 -8.37 15.42 -10.55
CA THR D 127 -9.39 14.50 -11.05
C THR D 127 -8.77 13.71 -12.23
N ASP D 128 -8.83 12.38 -12.21
CA ASP D 128 -8.47 11.55 -13.36
C ASP D 128 -9.60 11.56 -14.38
N ALA D 129 -9.51 12.46 -15.36
CA ALA D 129 -10.60 12.70 -16.28
C ALA D 129 -10.86 11.49 -17.17
N ALA D 130 -9.83 10.71 -17.47
CA ALA D 130 -9.98 9.52 -18.30
C ALA D 130 -10.80 8.47 -17.56
N LEU D 131 -10.48 8.30 -16.27
CA LEU D 131 -11.23 7.35 -15.44
C LEU D 131 -12.69 7.84 -15.23
N VAL D 132 -12.86 9.14 -15.04
CA VAL D 132 -14.20 9.71 -14.91
C VAL D 132 -15.00 9.39 -16.18
N ALA D 133 -14.37 9.55 -17.34
CA ALA D 133 -15.10 9.31 -18.58
C ALA D 133 -15.51 7.87 -18.72
N GLU D 134 -14.62 6.91 -18.45
CA GLU D 134 -15.03 5.56 -18.67
C GLU D 134 -15.99 5.14 -17.56
N THR D 135 -15.83 5.73 -16.40
CA THR D 135 -16.77 5.35 -15.30
C THR D 135 -18.18 5.92 -15.52
N GLU D 136 -18.30 7.11 -16.12
CA GLU D 136 -19.58 7.61 -16.50
C GLU D 136 -20.28 6.71 -17.53
N VAL D 137 -19.52 6.01 -18.38
CA VAL D 137 -20.14 5.10 -19.36
C VAL D 137 -20.85 3.98 -18.59
N THR D 138 -20.12 3.40 -17.66
CA THR D 138 -20.62 2.35 -16.80
C THR D 138 -21.83 2.82 -16.02
N LEU D 139 -21.74 3.98 -15.37
CA LEU D 139 -22.86 4.44 -14.54
C LEU D 139 -24.08 4.79 -15.42
N GLY D 140 -23.83 5.34 -16.60
CA GLY D 140 -24.93 5.64 -17.50
C GLY D 140 -25.71 4.39 -17.89
N LYS D 141 -25.01 3.30 -18.15
CA LYS D 141 -25.69 2.08 -18.46
C LYS D 141 -26.54 1.57 -17.26
N VAL D 142 -26.00 1.70 -16.05
CA VAL D 142 -26.75 1.39 -14.85
C VAL D 142 -28.00 2.26 -14.77
N LEU D 143 -27.83 3.56 -15.00
CA LEU D 143 -28.96 4.45 -14.91
C LEU D 143 -29.94 4.25 -16.05
N ASP D 144 -29.54 3.66 -17.18
CA ASP D 144 -30.57 3.27 -18.19
C ASP D 144 -31.51 2.20 -17.65
N VAL D 145 -30.97 1.30 -16.85
CA VAL D 145 -31.79 0.29 -16.22
C VAL D 145 -32.70 0.96 -15.21
N TYR D 146 -32.14 1.92 -14.48
CA TYR D 146 -32.95 2.66 -13.49
C TYR D 146 -34.11 3.43 -14.18
N GLU D 147 -33.82 4.02 -15.33
CA GLU D 147 -34.79 4.80 -16.09
C GLU D 147 -35.96 3.92 -16.51
N ALA D 148 -35.66 2.70 -16.93
CA ALA D 148 -36.71 1.72 -17.26
C ALA D 148 -37.51 1.28 -16.03
N ARG D 149 -36.83 0.99 -14.91
CA ARG D 149 -37.52 0.63 -13.68
C ARG D 149 -38.40 1.71 -13.13
N LEU D 150 -37.89 2.94 -13.12
CA LEU D 150 -38.60 4.07 -12.49
C LEU D 150 -39.72 4.53 -13.43
N SER D 151 -39.74 4.08 -14.68
CA SER D 151 -40.92 4.27 -15.52
C SER D 151 -42.07 3.39 -15.13
N GLN D 152 -41.78 2.29 -14.46
CA GLN D 152 -42.80 1.33 -14.00
C GLN D 152 -43.14 1.38 -12.53
N SER D 153 -42.28 2.00 -11.71
CA SER D 153 -42.45 2.02 -10.28
C SER D 153 -42.03 3.38 -9.77
N LYS D 154 -42.75 3.95 -8.82
CA LYS D 154 -42.50 5.35 -8.45
C LYS D 154 -41.11 5.44 -7.81
N TYR D 155 -40.82 4.43 -7.00
CA TYR D 155 -39.49 4.28 -6.35
C TYR D 155 -38.87 2.95 -6.80
N LEU D 156 -37.64 2.65 -6.38
CA LEU D 156 -36.95 1.46 -6.93
C LEU D 156 -37.60 0.13 -6.58
N ALA D 157 -38.04 -0.01 -5.35
CA ALA D 157 -38.48 -1.33 -4.86
C ALA D 157 -39.97 -1.41 -4.80
N SER D 158 -40.65 -0.28 -4.94
CA SER D 158 -42.09 -0.26 -4.78
C SER D 158 -42.59 1.13 -5.09
N ASP D 159 -43.87 1.42 -4.83
CA ASP D 159 -44.34 2.77 -5.12
C ASP D 159 -44.10 3.70 -3.94
N SER D 160 -43.33 3.24 -2.95
N SER D 160 -43.36 3.22 -2.94
CA SER D 160 -42.98 4.07 -1.82
CA SER D 160 -43.02 4.05 -1.77
C SER D 160 -41.49 4.12 -1.58
C SER D 160 -41.52 4.10 -1.54
N PHE D 161 -41.05 5.16 -0.88
CA PHE D 161 -39.64 5.29 -0.48
C PHE D 161 -39.24 4.19 0.46
N THR D 162 -38.13 3.50 0.16
CA THR D 162 -37.63 2.48 1.07
C THR D 162 -36.13 2.63 1.24
N LEU D 163 -35.51 1.76 2.02
CA LEU D 163 -34.06 1.81 2.17
C LEU D 163 -33.32 1.65 0.85
N ALA D 164 -33.89 0.94 -0.12
CA ALA D 164 -33.27 0.86 -1.42
C ALA D 164 -33.02 2.24 -2.05
N ASP D 165 -33.99 3.13 -1.92
CA ASP D 165 -33.81 4.49 -2.38
C ASP D 165 -32.85 5.24 -1.52
N LEU D 166 -33.09 5.20 -0.21
CA LEU D 166 -32.32 5.94 0.77
C LEU D 166 -30.80 5.73 0.61
N HIS D 167 -30.39 4.48 0.40
CA HIS D 167 -28.96 4.20 0.33
C HIS D 167 -28.23 4.89 -0.83
N HIS D 168 -28.97 5.32 -1.87
CA HIS D 168 -28.41 6.11 -2.97
C HIS D 168 -28.10 7.57 -2.62
N LEU D 169 -28.73 8.10 -1.58
CA LEU D 169 -28.71 9.58 -1.39
C LEU D 169 -27.34 10.17 -1.33
N PRO D 170 -26.43 9.60 -0.50
CA PRO D 170 -25.16 10.36 -0.38
C PRO D 170 -24.37 10.49 -1.66
N ASN D 171 -24.21 9.44 -2.45
CA ASN D 171 -23.46 9.66 -3.69
C ASN D 171 -24.24 10.42 -4.79
N ILE D 172 -25.55 10.25 -4.87
CA ILE D 172 -26.32 11.06 -5.79
C ILE D 172 -26.14 12.56 -5.47
N GLN D 173 -26.31 12.93 -4.20
CA GLN D 173 -26.16 14.33 -3.80
C GLN D 173 -24.78 14.86 -4.19
N ALA D 174 -23.76 14.07 -3.91
CA ALA D 174 -22.41 14.47 -4.16
C ALA D 174 -22.20 14.66 -5.66
N LEU D 175 -22.76 13.78 -6.49
CA LEU D 175 -22.62 13.93 -7.93
C LEU D 175 -23.37 15.09 -8.53
N LEU D 176 -24.41 15.58 -7.87
CA LEU D 176 -25.15 16.71 -8.40
C LEU D 176 -24.29 17.97 -8.43
N GLY D 177 -23.21 17.98 -7.65
CA GLY D 177 -22.27 19.09 -7.60
C GLY D 177 -21.12 18.94 -8.59
N THR D 178 -21.24 18.01 -9.53
CA THR D 178 -20.20 17.68 -10.49
C THR D 178 -20.81 17.60 -11.87
N PRO D 179 -19.97 17.55 -12.94
CA PRO D 179 -20.52 17.38 -14.30
C PRO D 179 -21.23 16.02 -14.51
N SER D 180 -21.04 15.08 -13.58
CA SER D 180 -21.79 13.82 -13.65
C SER D 180 -23.28 14.04 -13.42
N LYS D 181 -23.67 15.24 -12.94
CA LYS D 181 -25.08 15.57 -12.76
C LYS D 181 -25.89 15.29 -14.03
N LYS D 182 -25.24 15.45 -15.17
CA LYS D 182 -25.94 15.35 -16.46
C LYS D 182 -26.45 13.91 -16.70
N LEU D 183 -25.78 12.94 -16.08
CA LEU D 183 -26.25 11.53 -16.20
C LEU D 183 -27.65 11.38 -15.59
N PHE D 184 -27.90 12.14 -14.52
CA PHE D 184 -29.19 12.12 -13.84
C PHE D 184 -30.15 13.04 -14.55
N ASP D 185 -29.72 14.25 -14.89
CA ASP D 185 -30.59 15.21 -15.58
C ASP D 185 -31.18 14.71 -16.87
N SER D 186 -30.41 13.93 -17.64
CA SER D 186 -30.80 13.53 -18.99
C SER D 186 -31.79 12.36 -19.06
N ARG D 187 -32.06 11.75 -17.92
CA ARG D 187 -32.93 10.58 -17.82
C ARG D 187 -34.13 10.98 -17.00
N PRO D 188 -35.30 11.23 -17.65
CA PRO D 188 -36.28 12.02 -16.90
C PRO D 188 -36.93 11.36 -15.71
N HIS D 189 -37.12 10.03 -15.69
CA HIS D 189 -37.69 9.39 -14.50
C HIS D 189 -36.63 9.32 -13.39
N VAL D 190 -35.38 9.09 -13.78
CA VAL D 190 -34.28 9.14 -12.79
C VAL D 190 -34.21 10.53 -12.19
N SER D 191 -34.21 11.54 -13.06
CA SER D 191 -34.18 12.92 -12.58
C SER D 191 -35.31 13.22 -11.59
N ALA D 192 -36.55 12.83 -11.90
CA ALA D 192 -37.65 13.11 -10.99
C ALA D 192 -37.52 12.34 -9.69
N TRP D 193 -37.03 11.11 -9.78
CA TRP D 193 -36.81 10.30 -8.59
C TRP D 193 -35.74 10.93 -7.70
N VAL D 194 -34.66 11.38 -8.32
CA VAL D 194 -33.59 12.08 -7.56
C VAL D 194 -34.20 13.29 -6.83
N ALA D 195 -35.00 14.05 -7.55
CA ALA D 195 -35.61 15.24 -6.96
C ALA D 195 -36.45 14.81 -5.78
N SER D 196 -37.20 13.73 -5.93
N SER D 196 -37.16 13.69 -5.93
CA SER D 196 -38.09 13.33 -4.84
CA SER D 196 -38.13 13.24 -4.91
C SER D 196 -37.25 12.96 -3.62
C SER D 196 -37.46 12.63 -3.69
N ILE D 197 -36.21 12.15 -3.82
CA ILE D 197 -35.55 11.62 -2.65
C ILE D 197 -34.68 12.67 -1.98
N THR D 198 -34.04 13.51 -2.77
CA THR D 198 -33.18 14.56 -2.18
C THR D 198 -34.02 15.66 -1.53
N GLY D 199 -35.29 15.79 -1.87
CA GLY D 199 -36.13 16.81 -1.26
C GLY D 199 -36.79 16.42 0.05
N ARG D 200 -36.48 15.23 0.58
CA ARG D 200 -37.17 14.73 1.74
C ARG D 200 -36.62 15.45 2.96
N PRO D 201 -37.48 15.69 3.96
CA PRO D 201 -37.06 16.42 5.16
C PRO D 201 -35.85 15.80 5.90
N ALA D 202 -35.86 14.48 5.99
CA ALA D 202 -34.76 13.79 6.68
C ALA D 202 -33.44 14.03 5.93
N TRP D 203 -33.45 14.00 4.61
CA TRP D 203 -32.22 14.27 3.90
C TRP D 203 -31.80 15.75 4.08
N GLY D 204 -32.80 16.62 4.10
CA GLY D 204 -32.55 18.03 4.44
C GLY D 204 -31.81 18.20 5.75
N LYS D 205 -32.12 17.39 6.74
CA LYS D 205 -31.42 17.45 8.02
C LYS D 205 -29.97 17.05 7.89
N VAL D 206 -29.65 16.13 6.98
CA VAL D 206 -28.25 15.75 6.76
C VAL D 206 -27.54 16.92 6.09
N LEU D 207 -28.21 17.47 5.07
CA LEU D 207 -27.60 18.52 4.30
C LEU D 207 -27.36 19.72 5.18
N ALA D 208 -28.27 19.92 6.15
CA ALA D 208 -28.12 21.08 7.10
C ALA D 208 -26.84 21.05 7.86
N LEU D 209 -26.30 19.85 8.10
CA LEU D 209 -25.04 19.69 8.81
C LEU D 209 -23.80 20.03 8.00
N LEU D 210 -23.96 20.16 6.70
CA LEU D 210 -22.80 20.38 5.84
C LEU D 210 -22.43 21.87 5.74
N PRO D 211 -21.15 22.18 5.42
CA PRO D 211 -20.80 23.59 5.19
C PRO D 211 -21.60 24.26 4.07
N LYS D 212 -21.70 25.58 4.16
CA LYS D 212 -22.47 26.31 3.14
C LYS D 212 -21.63 26.44 1.89
#